data_9CBN
#
_entry.id   9CBN
#
_cell.length_a   1.00
_cell.length_b   1.00
_cell.length_c   1.00
_cell.angle_alpha   90.00
_cell.angle_beta   90.00
_cell.angle_gamma   90.00
#
_symmetry.space_group_name_H-M   'P 1'
#
loop_
_entity.id
_entity.type
_entity.pdbx_description
1 polymer 'HAstV1 neutralizing Fab 3B4 heavy chain'
2 polymer 'HAstV1 neutralizing Fab 3B4 kappa chain'
3 polymer 'Structural protein'
4 polymer 'HAstV1 neutralizing Fab 3H4 heavy chain'
5 polymer 'HAstV1 neutralizing Fab 3H4 lambda chain'
6 branched beta-D-mannopyranose-(1-4)-2-acetamido-2-deoxy-beta-D-glucopyranose-(1-4)-2-acetamido-2-deoxy-beta-D-glucopyranose
7 non-polymer 2-acetamido-2-deoxy-beta-D-glucopyranose
#
loop_
_entity_poly.entity_id
_entity_poly.type
_entity_poly.pdbx_seq_one_letter_code
_entity_poly.pdbx_strand_id
1 'polypeptide(L)'
;QVQLHQPGAELVKPGASVNLSCKASGYTFTSYWMHWVKQRPGQGLEWIGEINPSSGRANYNEKFKNKATLTVDKSSITAY
MHLSSLTSEDSAVYYCHWDYYAMDYWGQGTSVTVSSASTKGPSVFPLAPSSKSTSGGTAALGCLVKDYFPEPVTVSWNSG
ALTSGVHTFPAVLQSSGLYSLSSVVTVPSSSLGTQTYICNVNHKPSNTKVDKKVEPKSCASLVPR
;
A
2 'polypeptide(L)'
;DIVLTQSPATLSVTPGDSVSLSCRASQSISNNLHWYQQKSHESPRLLFKSASQSISGIPSRFSGSGSGTDFTLSINSVET
EDFGMYFCQQTNSWPLTFGTGTKLDLKRRTVAAPSVFIFPPSDEQLKSGTASVVCLLNNFYPREAKVQWKVDNALQSGNS
QESVTEQDSKDSTYSLSSTLTLSKADYEKHKVYACEVTHQGLSSPVTKSFNRGE
;
B
3 'polypeptide(L)'
;MGEEYKVVLTFGSPMSPNANNKQTWVNKPLDAPSGHYNVKIAKDVDHYLTMQGFTSIASVDWYTIDFQPSEAPAPIKGLQ
VLVNISKKADVYAVKQFVTAQTNNKHQVTSLFLVKVTTGFQVNNYLSYFYRASATGDATTNLLVRGDTYTAGISFTQGGW
YLLTNTSIVDGAMPPGWVWNNVELKTNTAYHMDKGLVHLIMPLPESTQMCYEMLTSIPAAAELALVPR
;
C,D
4 'polypeptide(L)'
;QVQLKESGPGLVAPSQSLSISCTVSGFSLTTFGIHWIRQPPGKGLEWLGVIWAAGTTNYNSTLKSRLTITKDNSRSQVFL
KMNSLQTYDTAIYYCVREDYDYFFGLDYWGQGTSVTVSSASTKGPSVFPLAPSSKSTSGGTAALGCLVKDYFPEPVTVSW
NSGALTSGVHTFPAVLQSSGLYSLSSVVTVPSSSLGTQTYICNVNHKPSNTKVDKKVEPKSCASLVPR
;
E,G
5 'polypeptide(L)'
;QAVVTQESALTTSPGETVTLTCRSSTGAVTTSNYASWVQEKPDHLFIGLIGGTNNRAPGVPARFSGSLIGDKAALTITGA
QTDDEAIYFCALWFSNHWVFGGGTKLTVLGRTVAAPSVFIFPPSDEQLKSGTASVVCLLNNFYPREAKVQWKVDNALQSG
NSQESVTEQDSKDSTYSLSSTLTLSKADYEKHKVYACEVTHQGLSSPVTKSFNRGEC
;
F,H
#
# COMPACT_ATOMS: atom_id res chain seq x y z
N VAL A 2 -25.91 -27.94 -9.83
CA VAL A 2 -27.25 -27.42 -9.40
C VAL A 2 -27.99 -28.53 -8.63
N GLN A 3 -27.81 -29.79 -9.05
CA GLN A 3 -28.53 -30.92 -8.39
C GLN A 3 -27.58 -32.11 -8.22
N LEU A 4 -27.60 -32.73 -7.03
CA LEU A 4 -26.77 -33.93 -6.77
C LEU A 4 -27.60 -35.19 -7.07
N HIS A 5 -27.13 -36.03 -7.98
CA HIS A 5 -27.87 -37.29 -8.32
C HIS A 5 -27.14 -38.48 -7.69
N GLN A 6 -27.86 -39.59 -7.49
CA GLN A 6 -27.24 -40.77 -6.83
C GLN A 6 -27.09 -41.91 -7.85
N PRO A 7 -25.88 -42.48 -8.02
CA PRO A 7 -25.68 -43.60 -8.92
C PRO A 7 -26.03 -44.95 -8.30
N GLY A 8 -27.32 -45.21 -8.07
CA GLY A 8 -27.76 -46.53 -7.57
C GLY A 8 -27.85 -46.60 -6.06
N ALA A 9 -28.69 -47.52 -5.55
CA ALA A 9 -28.78 -47.73 -4.08
C ALA A 9 -27.45 -48.27 -3.54
N GLU A 10 -26.81 -49.17 -4.31
CA GLU A 10 -25.54 -49.79 -3.86
C GLU A 10 -25.65 -50.18 -2.37
N PRO A 14 -20.63 -58.46 2.88
CA PRO A 14 -19.84 -57.68 3.83
C PRO A 14 -18.36 -57.87 3.57
N GLY A 15 -17.55 -56.88 3.97
CA GLY A 15 -16.09 -56.97 3.79
C GLY A 15 -15.69 -56.55 2.38
N ALA A 16 -16.68 -56.36 1.50
CA ALA A 16 -16.39 -55.93 0.11
C ALA A 16 -16.46 -54.41 0.04
N SER A 17 -15.34 -53.77 -0.31
CA SER A 17 -15.31 -52.29 -0.40
C SER A 17 -16.40 -51.82 -1.37
N VAL A 18 -17.33 -50.99 -0.90
CA VAL A 18 -18.45 -50.53 -1.77
C VAL A 18 -18.41 -49.00 -1.80
N ASN A 19 -18.00 -48.41 -2.91
CA ASN A 19 -18.06 -46.93 -2.96
C ASN A 19 -19.51 -46.50 -2.87
N LEU A 20 -19.82 -45.44 -2.11
CA LEU A 20 -21.20 -44.90 -2.11
C LEU A 20 -21.03 -43.59 -2.88
N SER A 21 -21.72 -43.43 -4.00
CA SER A 21 -21.39 -42.21 -4.78
C SER A 21 -22.56 -41.22 -4.91
N CYS A 22 -22.27 -40.00 -5.36
CA CYS A 22 -23.34 -38.98 -5.61
C CYS A 22 -22.76 -37.96 -6.61
N LYS A 23 -23.38 -37.82 -7.78
CA LYS A 23 -22.82 -36.93 -8.83
C LYS A 23 -23.68 -35.67 -8.98
N ALA A 24 -23.09 -34.49 -8.79
CA ALA A 24 -23.83 -33.22 -8.94
C ALA A 24 -23.65 -32.70 -10.37
N SER A 25 -24.73 -32.22 -10.99
CA SER A 25 -24.66 -31.76 -12.41
C SER A 25 -25.19 -30.33 -12.51
N GLY A 26 -24.97 -29.67 -13.65
CA GLY A 26 -25.39 -28.26 -13.82
C GLY A 26 -24.73 -27.39 -12.78
N TYR A 27 -23.46 -27.68 -12.45
CA TYR A 27 -22.76 -26.93 -11.38
C TYR A 27 -21.86 -25.86 -11.99
N THR A 28 -21.91 -24.64 -11.44
CA THR A 28 -21.03 -23.58 -11.90
C THR A 28 -19.82 -23.36 -11.00
N PHE A 29 -19.93 -23.58 -9.69
CA PHE A 29 -18.83 -23.42 -8.76
C PHE A 29 -18.35 -24.80 -8.32
N THR A 30 -17.06 -25.06 -8.49
CA THR A 30 -16.53 -26.39 -8.20
C THR A 30 -16.22 -26.57 -6.72
N SER A 31 -15.31 -25.76 -6.19
CA SER A 31 -14.71 -26.00 -4.88
C SER A 31 -15.63 -25.50 -3.79
N TYR A 32 -16.47 -26.41 -3.25
CA TYR A 32 -17.31 -26.06 -2.12
C TYR A 32 -17.42 -27.17 -1.09
N TRP A 33 -16.44 -28.07 -1.01
CA TRP A 33 -16.36 -29.03 0.10
C TRP A 33 -17.60 -29.92 0.21
N MET A 34 -17.81 -30.79 -0.77
CA MET A 34 -18.90 -31.75 -0.69
C MET A 34 -18.79 -32.56 0.60
N HIS A 35 -19.88 -32.59 1.37
CA HIS A 35 -19.91 -33.30 2.65
C HIS A 35 -20.23 -34.76 2.40
N TRP A 36 -20.56 -35.49 3.46
CA TRP A 36 -21.01 -36.87 3.34
C TRP A 36 -21.65 -37.31 4.65
N VAL A 37 -22.83 -37.89 4.59
CA VAL A 37 -23.63 -38.17 5.77
C VAL A 37 -24.09 -39.63 5.75
N LYS A 38 -24.27 -40.19 6.94
CA LYS A 38 -24.85 -41.51 7.10
C LYS A 38 -25.95 -41.44 8.15
N GLN A 39 -27.13 -41.96 7.80
CA GLN A 39 -28.30 -41.91 8.67
C GLN A 39 -28.92 -43.31 8.78
N ARG A 40 -28.74 -43.95 9.93
CA ARG A 40 -29.36 -45.24 10.16
C ARG A 40 -30.86 -45.07 10.33
N GLY A 44 -30.87 -40.29 13.47
CA GLY A 44 -30.19 -39.01 13.36
C GLY A 44 -29.04 -39.03 12.39
N LEU A 45 -28.58 -37.84 11.99
CA LEU A 45 -27.48 -37.73 11.06
C LEU A 45 -26.15 -37.91 11.76
N GLU A 46 -25.17 -38.42 11.02
CA GLU A 46 -23.82 -38.64 11.53
C GLU A 46 -22.83 -38.27 10.45
N TRP A 47 -21.98 -37.28 10.72
CA TRP A 47 -21.02 -36.85 9.73
C TRP A 47 -20.05 -37.98 9.40
N ILE A 48 -19.58 -38.02 8.16
CA ILE A 48 -18.60 -39.07 7.76
C ILE A 48 -17.29 -38.35 7.41
N GLY A 49 -17.40 -37.34 6.55
CA GLY A 49 -16.22 -36.58 6.13
C GLY A 49 -16.58 -35.61 5.03
N GLU A 50 -15.62 -34.79 4.61
CA GLU A 50 -15.84 -33.82 3.55
C GLU A 50 -14.64 -33.78 2.62
N ILE A 51 -14.91 -33.68 1.32
CA ILE A 51 -13.88 -33.58 0.30
C ILE A 51 -14.16 -32.36 -0.57
N ASN A 52 -13.13 -31.56 -0.81
CA ASN A 52 -13.30 -30.42 -1.75
C ASN A 52 -13.37 -31.04 -3.15
N PRO A 53 -14.28 -30.61 -4.04
CA PRO A 53 -14.31 -31.14 -5.40
C PRO A 53 -12.97 -30.80 -6.03
N SER A 54 -12.45 -29.61 -5.72
CA SER A 54 -11.11 -29.21 -6.25
C SER A 54 -10.12 -29.53 -5.12
N SER A 55 -8.86 -29.82 -5.47
CA SER A 55 -7.77 -30.15 -4.49
C SER A 55 -7.83 -31.53 -3.84
N GLY A 56 -8.96 -32.24 -3.95
CA GLY A 56 -9.02 -33.64 -3.46
C GLY A 56 -8.63 -33.74 -2.00
N ARG A 57 -9.04 -32.79 -1.16
CA ARG A 57 -8.60 -32.80 0.26
C ARG A 57 -9.78 -33.22 1.15
N ALA A 58 -9.57 -34.13 2.09
CA ALA A 58 -10.69 -34.60 2.89
C ALA A 58 -10.36 -34.48 4.36
N ASN A 59 -11.39 -34.33 5.18
CA ASN A 59 -11.27 -34.26 6.64
C ASN A 59 -12.31 -35.19 7.24
N TYR A 60 -11.93 -36.46 7.42
CA TYR A 60 -12.86 -37.47 7.89
C TYR A 60 -13.07 -37.34 9.40
N ASN A 61 -14.32 -37.44 9.83
CA ASN A 61 -14.60 -37.62 11.25
C ASN A 61 -13.90 -38.89 11.72
N GLU A 62 -13.06 -38.76 12.74
CA GLU A 62 -12.19 -39.88 13.10
C GLU A 62 -12.96 -41.14 13.41
N LYS A 63 -14.20 -41.02 13.88
CA LYS A 63 -15.01 -42.20 14.09
C LYS A 63 -15.22 -42.97 12.79
N PHE A 64 -15.13 -42.27 11.65
CA PHE A 64 -15.32 -42.86 10.34
C PHE A 64 -14.05 -42.83 9.49
N LYS A 65 -12.90 -42.98 10.12
CA LYS A 65 -11.63 -43.09 9.40
C LYS A 65 -11.14 -44.52 9.45
N ASN A 66 -10.41 -44.91 8.41
CA ASN A 66 -10.00 -46.29 8.14
C ASN A 66 -11.17 -47.12 7.65
N LYS A 67 -12.38 -46.58 7.62
CA LYS A 67 -13.57 -47.25 7.11
C LYS A 67 -14.17 -46.56 5.90
N ALA A 68 -13.96 -45.26 5.73
CA ALA A 68 -14.47 -44.51 4.59
C ALA A 68 -13.33 -43.74 3.94
N THR A 69 -13.30 -43.77 2.61
CA THR A 69 -12.29 -43.07 1.84
C THR A 69 -12.98 -42.34 0.70
N LEU A 70 -13.00 -41.01 0.76
CA LEU A 70 -13.73 -40.19 -0.19
C LEU A 70 -12.78 -39.64 -1.25
N THR A 71 -13.16 -39.80 -2.51
CA THR A 71 -12.36 -39.30 -3.63
C THR A 71 -13.32 -38.88 -4.74
N VAL A 72 -13.37 -37.58 -5.01
CA VAL A 72 -14.23 -37.04 -6.06
C VAL A 72 -13.46 -36.99 -7.37
N ASP A 73 -14.17 -37.21 -8.47
CA ASP A 73 -13.54 -37.18 -9.78
C ASP A 73 -13.14 -35.76 -10.16
N LYS A 74 -12.19 -35.63 -11.09
CA LYS A 74 -11.68 -34.28 -11.44
C LYS A 74 -12.44 -33.69 -12.64
N SER A 75 -12.53 -34.41 -13.76
CA SER A 75 -13.15 -33.83 -14.98
C SER A 75 -14.61 -33.46 -14.73
N SER A 76 -15.36 -34.31 -14.04
CA SER A 76 -16.77 -33.99 -13.68
C SER A 76 -16.92 -34.27 -12.18
N ILE A 77 -17.56 -33.37 -11.43
CA ILE A 77 -17.59 -33.60 -9.96
C ILE A 77 -18.51 -34.78 -9.64
N THR A 78 -18.05 -35.69 -8.77
CA THR A 78 -18.87 -36.86 -8.34
C THR A 78 -18.19 -37.47 -7.14
N ALA A 79 -18.92 -37.65 -6.04
CA ALA A 79 -18.32 -38.13 -4.81
C ALA A 79 -18.23 -39.65 -4.82
N TYR A 80 -17.09 -40.16 -4.35
CA TYR A 80 -16.85 -41.60 -4.29
C TYR A 80 -16.40 -41.93 -2.87
N MET A 81 -17.34 -42.35 -2.02
CA MET A 81 -17.04 -42.72 -0.64
C MET A 81 -16.67 -44.20 -0.63
N HIS A 82 -15.38 -44.48 -0.74
CA HIS A 82 -14.90 -45.85 -0.83
C HIS A 82 -14.99 -46.55 0.51
N LEU A 83 -16.20 -46.94 0.91
CA LEU A 83 -16.39 -47.67 2.15
C LEU A 83 -15.65 -49.00 2.08
N SER A 84 -15.11 -49.43 3.22
CA SER A 84 -14.36 -50.68 3.30
C SER A 84 -14.80 -51.45 4.55
N SER A 85 -14.71 -52.78 4.46
CA SER A 85 -15.03 -53.67 5.57
C SER A 85 -16.40 -53.34 6.16
N LEU A 86 -17.40 -53.34 5.29
CA LEU A 86 -18.76 -53.03 5.73
C LEU A 86 -19.21 -54.03 6.79
N THR A 87 -19.93 -53.52 7.79
CA THR A 87 -20.41 -54.33 8.90
C THR A 87 -21.94 -54.31 8.92
N SER A 88 -22.51 -54.90 9.96
CA SER A 88 -23.96 -54.96 10.11
C SER A 88 -24.57 -53.57 10.18
N SER A 91 -26.22 -49.45 9.74
CA SER A 91 -27.16 -49.87 8.67
C SER A 91 -26.87 -49.09 7.39
N ALA A 92 -27.91 -48.51 6.76
CA ALA A 92 -27.75 -47.78 5.49
C ALA A 92 -26.92 -46.50 5.64
N VAL A 93 -26.08 -46.20 4.66
CA VAL A 93 -25.32 -44.90 4.67
C VAL A 93 -25.60 -43.95 3.50
N TYR A 94 -26.49 -42.97 3.65
CA TYR A 94 -26.75 -42.13 2.46
C TYR A 94 -26.79 -40.92 1.52
N TYR A 95 -26.92 -39.70 2.08
CA TYR A 95 -26.94 -38.40 1.34
C TYR A 95 -25.63 -37.60 1.39
N CYS A 96 -25.43 -36.71 0.42
CA CYS A 96 -24.26 -35.80 0.40
C CYS A 96 -24.49 -34.31 0.08
N HIS A 97 -23.96 -33.38 0.88
CA HIS A 97 -24.24 -31.93 0.64
C HIS A 97 -23.13 -31.06 0.03
N TRP A 98 -23.28 -30.69 -1.24
CA TRP A 98 -22.21 -29.89 -1.90
C TRP A 98 -22.64 -28.44 -1.92
N ASP A 99 -22.26 -27.64 -0.93
CA ASP A 99 -22.79 -26.25 -0.75
C ASP A 99 -22.63 -25.27 -1.91
N TYR A 100 -23.40 -24.18 -1.89
CA TYR A 100 -23.41 -23.11 -2.86
C TYR A 100 -23.82 -21.84 -2.13
N TYR A 101 -23.86 -20.73 -2.87
CA TYR A 101 -24.18 -19.44 -2.22
C TYR A 101 -25.43 -19.70 -1.39
N ALA A 102 -26.27 -20.62 -1.86
CA ALA A 102 -27.50 -21.01 -1.12
C ALA A 102 -28.28 -22.03 -1.95
N MET A 103 -29.10 -22.86 -1.29
CA MET A 103 -29.96 -23.84 -2.01
C MET A 103 -29.84 -24.86 -3.15
N ASP A 104 -28.62 -25.36 -3.41
CA ASP A 104 -28.32 -26.37 -4.48
C ASP A 104 -27.78 -27.73 -4.02
N TYR A 105 -27.30 -27.82 -2.78
CA TYR A 105 -26.63 -29.04 -2.36
C TYR A 105 -27.20 -30.27 -1.64
N TRP A 106 -28.13 -31.00 -2.26
CA TRP A 106 -28.59 -32.24 -1.60
C TRP A 106 -28.79 -33.36 -2.63
N GLY A 107 -28.57 -34.61 -2.24
CA GLY A 107 -28.73 -35.75 -3.16
C GLY A 107 -29.39 -36.93 -2.48
N GLN A 108 -30.03 -37.81 -3.25
CA GLN A 108 -30.74 -38.94 -2.67
C GLN A 108 -29.73 -39.97 -2.17
N GLY A 109 -29.87 -40.34 -0.90
CA GLY A 109 -28.93 -41.26 -0.28
C GLY A 109 -28.92 -42.63 -0.91
N THR A 110 -27.71 -43.18 -1.07
CA THR A 110 -27.53 -44.52 -1.61
C THR A 110 -27.71 -45.55 -0.50
N SER A 111 -28.96 -45.70 -0.07
CA SER A 111 -29.30 -46.62 1.01
C SER A 111 -28.65 -47.98 0.79
N VAL A 112 -27.71 -48.33 1.68
CA VAL A 112 -26.99 -49.62 1.54
C VAL A 112 -27.58 -50.63 2.53
N THR A 113 -27.73 -51.88 2.12
CA THR A 113 -28.21 -52.93 3.04
C THR A 113 -27.12 -53.98 3.13
N ILE B 2 -18.22 -31.46 20.41
CA ILE B 2 -19.24 -30.48 20.77
C ILE B 2 -20.59 -31.16 20.85
N VAL B 3 -21.30 -30.93 21.94
CA VAL B 3 -22.61 -31.53 22.19
C VAL B 3 -23.66 -30.43 22.19
N LEU B 4 -24.63 -30.55 21.30
CA LEU B 4 -25.70 -29.57 21.15
C LEU B 4 -27.02 -30.20 21.57
N THR B 5 -27.73 -29.53 22.48
CA THR B 5 -28.97 -30.05 23.02
C THR B 5 -30.14 -29.27 22.43
N GLN B 6 -31.15 -29.99 21.92
CA GLN B 6 -32.34 -29.39 21.37
C GLN B 6 -33.54 -29.79 22.22
N SER B 7 -34.33 -28.79 22.61
CA SER B 7 -35.54 -29.01 23.39
C SER B 7 -36.66 -28.16 22.83
N VAL B 19 -44.14 -21.26 17.81
CA VAL B 19 -43.36 -22.08 18.73
C VAL B 19 -41.91 -21.65 18.67
N SER B 20 -41.15 -22.07 19.68
CA SER B 20 -39.73 -21.73 19.80
C SER B 20 -38.95 -23.00 20.06
N LEU B 21 -38.14 -23.42 19.09
CA LEU B 21 -37.27 -24.58 19.22
C LEU B 21 -35.85 -24.11 19.51
N SER B 22 -35.24 -24.71 20.52
CA SER B 22 -33.93 -24.28 21.01
C SER B 22 -32.90 -25.37 20.78
N CYS B 23 -31.68 -24.95 20.45
CA CYS B 23 -30.53 -25.84 20.29
C CYS B 23 -29.33 -25.17 20.94
N ARG B 24 -29.06 -25.54 22.20
CA ARG B 24 -27.97 -24.94 22.96
C ARG B 24 -26.69 -25.73 22.76
N ALA B 25 -25.58 -25.02 22.57
CA ALA B 25 -24.30 -25.67 22.33
C ALA B 25 -23.60 -26.00 23.64
N SER B 26 -22.64 -26.93 23.54
CA SER B 26 -21.81 -27.29 24.68
C SER B 26 -20.64 -26.33 24.89
N GLN B 27 -20.19 -25.66 23.83
CA GLN B 27 -19.15 -24.65 23.95
C GLN B 27 -19.39 -23.58 22.90
N SER B 28 -18.82 -22.40 23.14
CA SER B 28 -19.02 -21.29 22.22
C SER B 28 -18.55 -21.67 20.82
N ILE B 29 -19.41 -21.44 19.83
CA ILE B 29 -19.16 -21.80 18.44
C ILE B 29 -19.41 -20.60 17.55
N SER B 30 -19.42 -19.40 18.15
CA SER B 30 -19.82 -18.20 17.44
C SER B 30 -21.22 -18.35 16.88
N ASN B 31 -21.37 -18.10 15.58
CA ASN B 31 -22.67 -18.15 14.92
C ASN B 31 -22.71 -19.24 13.86
N ASN B 32 -21.91 -20.30 14.03
CA ASN B 32 -21.78 -21.35 13.03
C ASN B 32 -22.73 -22.49 13.39
N LEU B 33 -23.99 -22.32 12.99
CA LEU B 33 -25.00 -23.34 13.29
C LEU B 33 -26.10 -23.25 12.24
N HIS B 34 -26.01 -24.09 11.22
CA HIS B 34 -27.08 -24.18 10.22
C HIS B 34 -28.18 -25.09 10.73
N TRP B 35 -29.42 -24.71 10.45
CA TRP B 35 -30.59 -25.50 10.83
C TRP B 35 -31.03 -26.36 9.65
N TYR B 36 -31.21 -27.65 9.89
CA TYR B 36 -31.61 -28.60 8.87
C TYR B 36 -32.97 -29.18 9.23
N GLN B 37 -33.87 -29.23 8.26
CA GLN B 37 -35.22 -29.74 8.44
C GLN B 37 -35.43 -30.98 7.58
N GLU B 42 -38.05 -38.15 3.01
CA GLU B 42 -37.54 -37.05 2.21
C GLU B 42 -36.14 -36.67 2.69
N SER B 43 -35.38 -36.07 1.79
CA SER B 43 -34.05 -35.57 2.14
C SER B 43 -34.17 -34.33 3.00
N PRO B 44 -33.47 -34.24 4.13
CA PRO B 44 -33.58 -33.04 4.97
C PRO B 44 -33.23 -31.79 4.19
N ARG B 45 -33.97 -30.71 4.41
CA ARG B 45 -33.73 -29.44 3.71
C ARG B 45 -33.27 -28.38 4.72
N LEU B 46 -32.26 -27.59 4.34
CA LEU B 46 -31.70 -26.55 5.18
C LEU B 46 -32.68 -25.40 5.34
N LEU B 47 -32.53 -24.67 6.44
CA LEU B 47 -33.36 -23.50 6.73
C LEU B 47 -32.54 -22.23 6.87
N PHE B 48 -31.46 -22.25 7.66
CA PHE B 48 -30.68 -21.06 7.94
C PHE B 48 -29.20 -21.36 7.77
N LYS B 49 -28.46 -20.36 7.29
CA LYS B 49 -27.01 -20.40 7.21
C LYS B 49 -26.45 -19.36 8.18
N SER B 50 -25.55 -19.80 9.07
CA SER B 50 -24.98 -18.96 10.11
C SER B 50 -25.95 -18.70 11.26
N ALA B 51 -27.04 -19.46 11.34
CA ALA B 51 -27.99 -19.46 12.44
C ALA B 51 -28.90 -18.24 12.45
N SER B 52 -28.69 -17.26 11.57
CA SER B 52 -29.55 -16.08 11.52
C SER B 52 -29.95 -15.68 10.11
N GLN B 53 -29.30 -16.20 9.08
CA GLN B 53 -29.54 -15.82 7.70
C GLN B 53 -30.59 -16.73 7.09
N SER B 54 -31.71 -16.17 6.67
CA SER B 54 -32.72 -16.94 5.96
C SER B 54 -32.20 -17.38 4.61
N ILE B 55 -32.66 -18.54 4.15
CA ILE B 55 -32.17 -19.15 2.93
C ILE B 55 -33.20 -18.98 1.82
N SER B 56 -32.70 -18.86 0.60
CA SER B 56 -33.57 -18.62 -0.56
C SER B 56 -34.60 -19.73 -0.70
N GLY B 57 -35.86 -19.34 -0.90
CA GLY B 57 -36.95 -20.26 -1.14
C GLY B 57 -37.73 -20.67 0.09
N ILE B 58 -37.15 -20.50 1.29
CA ILE B 58 -37.84 -20.84 2.52
C ILE B 58 -38.91 -19.79 2.81
N PRO B 59 -40.06 -20.17 3.36
CA PRO B 59 -41.04 -19.16 3.79
C PRO B 59 -40.43 -18.26 4.85
N SER B 60 -40.83 -16.98 4.83
CA SER B 60 -40.31 -16.03 5.80
C SER B 60 -40.80 -16.30 7.21
N ARG B 61 -41.76 -17.22 7.38
CA ARG B 61 -42.26 -17.52 8.72
C ARG B 61 -41.14 -18.01 9.63
N PHE B 62 -40.18 -18.75 9.09
CA PHE B 62 -39.08 -19.25 9.89
C PHE B 62 -38.17 -18.11 10.33
N SER B 63 -37.65 -18.22 11.56
CA SER B 63 -36.73 -17.23 12.11
C SER B 63 -35.68 -17.94 12.97
N GLY B 64 -34.43 -17.50 12.85
CA GLY B 64 -33.35 -18.07 13.63
C GLY B 64 -32.45 -17.01 14.25
N SER B 65 -32.20 -17.13 15.55
CA SER B 65 -31.45 -16.12 16.30
C SER B 65 -30.40 -16.80 17.17
N GLY B 66 -29.78 -16.02 18.05
CA GLY B 66 -28.70 -16.47 18.88
C GLY B 66 -27.35 -16.26 18.24
N SER B 67 -26.38 -15.87 19.06
CA SER B 67 -25.08 -15.53 18.48
C SER B 67 -23.88 -16.21 19.17
N GLY B 68 -23.93 -16.40 20.48
CA GLY B 68 -22.74 -16.92 21.12
C GLY B 68 -22.68 -18.41 21.36
N THR B 69 -23.62 -18.94 22.15
CA THR B 69 -23.71 -20.37 22.38
C THR B 69 -25.13 -20.90 22.44
N ASP B 70 -26.13 -20.05 22.61
CA ASP B 70 -27.51 -20.47 22.79
C ASP B 70 -28.32 -20.01 21.57
N PHE B 71 -28.67 -20.97 20.71
CA PHE B 71 -29.38 -20.69 19.47
C PHE B 71 -30.81 -21.17 19.59
N THR B 72 -31.75 -20.34 19.15
CA THR B 72 -33.17 -20.63 19.24
C THR B 72 -33.82 -20.53 17.87
N LEU B 73 -34.84 -21.34 17.67
CA LEU B 73 -35.62 -21.34 16.44
C LEU B 73 -37.08 -21.05 16.78
N SER B 74 -37.68 -20.16 16.00
CA SER B 74 -39.11 -19.80 16.21
C SER B 74 -39.83 -19.81 14.86
N ILE B 75 -40.91 -20.58 14.77
CA ILE B 75 -41.68 -20.67 13.49
C ILE B 75 -43.06 -20.06 13.74
N ASN B 76 -43.47 -19.10 12.89
CA ASN B 76 -44.79 -18.43 13.06
C ASN B 76 -45.10 -17.63 11.79
N GLY B 84 -36.56 -36.33 12.80
CA GLY B 84 -36.37 -35.32 11.74
C GLY B 84 -36.54 -33.93 12.30
N MET B 85 -37.79 -33.53 12.59
CA MET B 85 -38.04 -32.20 13.20
C MET B 85 -37.13 -31.16 12.53
N TYR B 86 -36.29 -30.49 13.32
CA TYR B 86 -35.37 -29.47 12.76
C TYR B 86 -33.99 -29.64 13.39
N PHE B 87 -33.12 -30.42 12.76
CA PHE B 87 -31.73 -30.59 13.26
C PHE B 87 -31.05 -29.24 13.27
N CYS B 88 -30.00 -29.13 14.09
CA CYS B 88 -29.21 -27.87 14.19
C CYS B 88 -27.73 -28.22 14.00
N GLN B 89 -27.24 -28.21 12.76
CA GLN B 89 -25.85 -28.65 12.50
C GLN B 89 -24.86 -27.51 12.77
N GLN B 90 -24.02 -27.65 13.81
CA GLN B 90 -22.98 -26.67 14.05
C GLN B 90 -21.74 -27.06 13.26
N THR B 91 -21.05 -26.07 12.71
CA THR B 91 -19.91 -26.31 11.85
C THR B 91 -18.68 -25.59 12.37
N ASN B 92 -18.46 -25.71 13.69
CA ASN B 92 -17.32 -24.98 14.33
C ASN B 92 -16.10 -25.91 14.40
N SER B 93 -16.33 -27.22 14.50
CA SER B 93 -15.19 -28.17 14.65
C SER B 93 -15.55 -29.51 14.00
N TRP B 94 -14.57 -30.14 13.34
CA TRP B 94 -14.79 -31.51 12.82
C TRP B 94 -15.04 -32.42 14.01
N PRO B 95 -15.97 -33.40 13.93
CA PRO B 95 -16.94 -33.45 12.85
C PRO B 95 -18.15 -32.56 13.14
N LEU B 96 -18.52 -31.71 12.19
CA LEU B 96 -19.73 -30.87 12.36
C LEU B 96 -20.83 -31.75 12.96
N THR B 97 -21.25 -31.46 14.20
CA THR B 97 -22.23 -32.35 14.88
C THR B 97 -23.65 -32.01 14.54
N PHE B 98 -24.61 -32.83 15.00
CA PHE B 98 -26.01 -32.58 14.76
C PHE B 98 -26.77 -32.71 16.07
N GLY B 99 -27.94 -32.08 16.12
CA GLY B 99 -28.78 -32.19 17.30
C GLY B 99 -29.66 -33.42 17.28
N THR B 100 -30.35 -33.65 18.39
CA THR B 100 -31.28 -34.77 18.47
C THR B 100 -32.48 -34.57 17.57
N GLU C 4 -2.76 17.80 5.55
CA GLU C 4 -2.77 16.62 4.69
C GLU C 4 -1.37 16.12 4.44
N TYR C 5 -1.09 14.86 4.85
CA TYR C 5 0.27 14.28 4.77
C TYR C 5 0.30 13.01 3.95
N LYS C 6 1.49 12.50 3.62
CA LYS C 6 1.58 11.12 3.08
C LYS C 6 2.19 10.22 4.15
N VAL C 7 1.55 9.09 4.44
CA VAL C 7 2.00 8.19 5.54
C VAL C 7 2.61 6.93 4.93
N VAL C 8 3.93 6.75 5.05
CA VAL C 8 4.64 5.58 4.52
C VAL C 8 4.65 4.55 5.64
N LEU C 9 3.66 3.66 5.64
CA LEU C 9 3.52 2.67 6.70
C LEU C 9 4.47 1.49 6.46
N THR C 10 5.20 1.11 7.49
CA THR C 10 6.05 -0.09 7.46
C THR C 10 5.34 -1.17 8.25
N PHE C 11 4.86 -2.20 7.54
CA PHE C 11 4.02 -3.20 8.19
C PHE C 11 4.83 -4.06 9.15
N GLY C 12 4.33 -4.21 10.37
CA GLY C 12 4.95 -5.06 11.35
C GLY C 12 4.54 -6.50 11.18
N SER C 13 4.99 -7.33 12.13
CA SER C 13 4.69 -8.75 12.09
C SER C 13 3.18 -8.95 12.26
N PRO C 14 2.63 -10.02 11.67
CA PRO C 14 1.18 -10.22 11.77
C PRO C 14 0.71 -10.29 13.23
N MET C 15 -0.43 -9.68 13.49
CA MET C 15 -1.02 -9.73 14.82
C MET C 15 -1.85 -11.00 14.97
N SER C 16 -1.95 -11.47 16.20
CA SER C 16 -2.75 -12.65 16.48
C SER C 16 -4.22 -12.34 16.25
N PRO C 17 -5.01 -13.30 15.74
CA PRO C 17 -4.68 -14.69 15.39
C PRO C 17 -4.12 -14.85 13.98
N ASN C 18 -3.82 -13.76 13.27
CA ASN C 18 -3.29 -13.89 11.92
C ASN C 18 -1.88 -14.46 11.97
N ALA C 19 -1.31 -14.70 10.79
CA ALA C 19 0.05 -15.21 10.66
C ALA C 19 0.44 -15.10 9.20
N ASN C 20 1.74 -15.23 8.94
CA ASN C 20 2.23 -15.05 7.57
C ASN C 20 1.70 -16.10 6.62
N ASN C 21 1.17 -17.22 7.12
CA ASN C 21 0.74 -18.33 6.29
C ASN C 21 -0.69 -18.75 6.61
N LYS C 22 -1.60 -17.78 6.73
CA LYS C 22 -3.01 -18.09 6.83
C LYS C 22 -3.81 -16.85 6.50
N GLN C 23 -5.03 -17.06 6.02
CA GLN C 23 -5.85 -15.95 5.56
C GLN C 23 -6.06 -14.93 6.67
N THR C 24 -6.04 -13.65 6.28
CA THR C 24 -6.23 -12.57 7.24
C THR C 24 -7.63 -12.65 7.85
N TRP C 25 -7.72 -12.31 9.13
CA TRP C 25 -8.97 -12.32 9.86
C TRP C 25 -9.38 -10.89 10.20
N VAL C 26 -10.66 -10.59 9.98
CA VAL C 26 -11.20 -9.25 10.15
C VAL C 26 -12.47 -9.33 10.98
N ASN C 27 -12.67 -8.35 11.86
CA ASN C 27 -13.85 -8.33 12.72
C ASN C 27 -15.09 -8.01 11.90
N LYS C 28 -15.81 -9.03 11.46
CA LYS C 28 -16.86 -8.87 10.47
C LYS C 28 -18.06 -8.11 11.03
N PRO C 29 -18.81 -8.66 11.99
CA PRO C 29 -20.02 -7.97 12.44
C PRO C 29 -19.68 -6.77 13.33
N LEU C 30 -20.70 -5.96 13.57
CA LEU C 30 -20.56 -4.77 14.40
C LEU C 30 -20.71 -5.07 15.89
N ASP C 31 -21.14 -6.27 16.26
CA ASP C 31 -21.29 -6.64 17.65
C ASP C 31 -20.05 -7.39 18.12
N ALA C 32 -20.04 -7.74 19.40
CA ALA C 32 -18.92 -8.41 20.03
C ALA C 32 -19.45 -9.48 20.97
N PRO C 33 -18.63 -10.50 21.34
CA PRO C 33 -19.10 -11.58 22.18
C PRO C 33 -19.40 -11.00 23.55
N SER C 34 -20.15 -11.73 24.37
CA SER C 34 -20.55 -11.21 25.71
C SER C 34 -19.29 -10.97 26.55
N GLY C 35 -19.26 -9.86 27.31
CA GLY C 35 -18.10 -9.52 28.16
C GLY C 35 -17.00 -8.85 27.35
N HIS C 36 -17.25 -8.51 26.09
CA HIS C 36 -16.24 -7.83 25.23
C HIS C 36 -16.90 -6.69 24.44
N TYR C 37 -16.09 -5.78 23.89
CA TYR C 37 -16.56 -4.64 23.09
C TYR C 37 -15.75 -4.54 21.81
N ASN C 38 -16.38 -3.95 20.79
CA ASN C 38 -15.70 -3.69 19.53
C ASN C 38 -14.87 -2.42 19.64
N VAL C 39 -13.91 -2.29 18.72
CA VAL C 39 -13.05 -1.11 18.68
C VAL C 39 -13.73 -0.07 17.78
N LYS C 40 -14.40 0.90 18.39
CA LYS C 40 -15.15 1.91 17.67
C LYS C 40 -14.35 3.20 17.62
N ILE C 41 -14.02 3.66 16.42
CA ILE C 41 -13.40 4.97 16.22
C ILE C 41 -14.54 5.99 16.22
N ALA C 42 -14.69 6.72 17.32
CA ALA C 42 -15.87 7.54 17.56
C ALA C 42 -15.50 9.01 17.61
N LYS C 43 -16.26 9.83 16.89
CA LYS C 43 -16.17 11.29 17.00
C LYS C 43 -17.23 11.80 17.98
N ASP C 44 -18.50 11.54 17.69
CA ASP C 44 -19.56 11.62 18.69
C ASP C 44 -20.36 10.34 18.66
N VAL C 45 -21.34 10.25 19.56
CA VAL C 45 -22.17 9.06 19.69
C VAL C 45 -22.94 8.78 18.40
N ASP C 46 -23.20 9.80 17.60
CA ASP C 46 -23.90 9.63 16.33
C ASP C 46 -22.93 9.45 15.16
N HIS C 47 -21.62 9.41 15.40
CA HIS C 47 -20.63 9.30 14.34
C HIS C 47 -19.48 8.44 14.85
N TYR C 48 -19.46 7.17 14.43
CA TYR C 48 -18.34 6.29 14.74
C TYR C 48 -18.26 5.20 13.69
N LEU C 49 -17.04 4.72 13.44
CA LEU C 49 -16.78 3.68 12.45
C LEU C 49 -16.16 2.49 13.17
N THR C 50 -16.92 1.41 13.31
CA THR C 50 -16.42 0.23 13.99
C THR C 50 -15.19 -0.30 13.27
N MET C 51 -14.42 -1.12 13.98
CA MET C 51 -13.23 -1.75 13.42
C MET C 51 -13.62 -3.03 12.70
N GLN C 52 -13.11 -3.20 11.49
CA GLN C 52 -13.30 -4.43 10.73
C GLN C 52 -11.98 -5.17 10.52
N GLY C 53 -10.98 -4.50 9.94
CA GLY C 53 -9.71 -5.12 9.67
C GLY C 53 -8.57 -4.47 10.44
N PHE C 54 -8.03 -5.19 11.42
CA PHE C 54 -7.00 -4.67 12.29
C PHE C 54 -5.61 -5.03 11.76
N THR C 55 -4.68 -4.09 11.87
CA THR C 55 -3.32 -4.31 11.42
C THR C 55 -2.36 -3.64 12.39
N SER C 56 -1.12 -4.11 12.40
CA SER C 56 -0.07 -3.59 13.27
C SER C 56 1.02 -2.96 12.41
N ILE C 57 1.43 -1.74 12.76
CA ILE C 57 2.44 -1.00 12.04
C ILE C 57 3.68 -0.90 12.91
N ALA C 58 4.81 -1.38 12.40
CA ALA C 58 6.05 -1.32 13.18
C ALA C 58 6.58 0.11 13.25
N SER C 59 6.55 0.84 12.14
CA SER C 59 7.02 2.20 12.10
C SER C 59 6.22 2.98 11.07
N VAL C 60 6.20 4.30 11.24
CA VAL C 60 5.47 5.20 10.36
C VAL C 60 6.38 6.37 10.02
N ASP C 61 6.39 6.75 8.74
CA ASP C 61 7.19 7.87 8.25
C ASP C 61 6.26 8.86 7.56
N TRP C 62 6.09 10.03 8.17
CA TRP C 62 5.21 11.06 7.64
C TRP C 62 5.94 11.90 6.59
N TYR C 63 5.14 12.56 5.75
CA TYR C 63 5.66 13.40 4.68
C TYR C 63 4.61 14.44 4.33
N THR C 64 5.04 15.45 3.56
CA THR C 64 4.10 16.41 3.00
C THR C 64 3.50 15.84 1.72
N ILE C 65 2.55 16.59 1.14
CA ILE C 65 1.86 16.10 -0.05
C ILE C 65 2.84 15.91 -1.20
N ASP C 66 3.88 16.72 -1.26
CA ASP C 66 4.92 16.61 -2.28
C ASP C 66 6.07 15.71 -1.84
N PHE C 67 5.91 15.01 -0.71
CA PHE C 67 6.93 14.11 -0.18
C PHE C 67 8.16 14.85 0.33
N GLN C 68 7.98 16.10 0.76
CA GLN C 68 9.03 16.77 1.50
C GLN C 68 9.01 16.28 2.94
N PRO C 69 10.15 15.89 3.51
CA PRO C 69 10.12 15.29 4.85
C PRO C 69 9.45 16.21 5.87
N SER C 70 8.67 15.60 6.76
CA SER C 70 7.88 16.34 7.74
C SER C 70 7.89 15.60 9.07
N GLU C 71 7.51 16.33 10.11
CA GLU C 71 7.42 15.77 11.44
C GLU C 71 6.04 15.18 11.69
N ALA C 72 5.86 14.55 12.84
CA ALA C 72 4.60 13.90 13.14
C ALA C 72 3.49 14.93 13.29
N PRO C 73 2.24 14.55 13.06
CA PRO C 73 1.12 15.46 13.27
C PRO C 73 0.53 15.31 14.66
N ALA C 74 -0.14 16.38 15.10
CA ALA C 74 -0.87 16.32 16.35
C ALA C 74 -2.08 15.40 16.19
N PRO C 75 -2.54 14.78 17.28
CA PRO C 75 -3.68 13.88 17.15
C PRO C 75 -4.91 14.61 16.64
N ILE C 76 -5.70 13.91 15.83
CA ILE C 76 -6.97 14.49 15.38
C ILE C 76 -7.79 14.81 16.62
N LYS C 77 -8.07 16.10 16.82
CA LYS C 77 -8.77 16.52 18.02
C LYS C 77 -10.25 16.19 17.92
N GLY C 78 -10.83 15.76 19.04
CA GLY C 78 -12.20 15.32 19.06
C GLY C 78 -12.42 13.89 18.64
N LEU C 79 -11.36 13.16 18.30
CA LEU C 79 -11.45 11.79 17.81
C LEU C 79 -10.83 10.86 18.85
N GLN C 80 -11.60 9.86 19.28
CA GLN C 80 -11.15 8.87 20.24
C GLN C 80 -11.42 7.47 19.70
N VAL C 81 -10.50 6.52 19.92
CA VAL C 81 -10.71 5.10 19.53
C VAL C 81 -11.29 4.43 20.78
N LEU C 82 -12.51 4.82 21.18
CA LEU C 82 -13.12 4.33 22.44
C LEU C 82 -13.48 2.85 22.29
N VAL C 83 -13.18 2.03 23.29
CA VAL C 83 -13.63 0.60 23.31
C VAL C 83 -14.49 0.81 24.56
N ASN C 84 -15.76 0.36 24.55
CA ASN C 84 -16.75 0.62 25.64
C ASN C 84 -16.75 2.16 25.68
N ILE C 85 -16.91 2.78 26.85
CA ILE C 85 -16.84 4.27 27.00
C ILE C 85 -15.43 4.88 27.05
N SER C 86 -14.46 4.20 27.68
CA SER C 86 -13.08 4.72 27.85
C SER C 86 -12.16 4.69 26.63
N LYS C 87 -11.46 5.78 26.36
CA LYS C 87 -10.53 5.86 25.19
C LYS C 87 -9.34 4.93 25.40
N LYS C 88 -8.80 4.34 24.34
CA LYS C 88 -7.65 3.45 24.36
C LYS C 88 -6.61 3.79 23.30
N ALA C 89 -6.83 4.78 22.45
CA ALA C 89 -5.85 5.15 21.45
C ALA C 89 -6.17 6.53 20.91
N ASP C 90 -5.17 7.14 20.28
CA ASP C 90 -5.31 8.44 19.63
C ASP C 90 -5.19 8.29 18.13
N VAL C 91 -6.09 8.94 17.40
CA VAL C 91 -6.13 8.83 15.95
C VAL C 91 -5.22 9.89 15.35
N TYR C 92 -4.30 9.46 14.50
CA TYR C 92 -3.30 10.36 13.91
C TYR C 92 -3.48 10.56 12.41
N ALA C 93 -4.53 10.02 11.81
CA ALA C 93 -4.78 10.19 10.38
C ALA C 93 -6.11 9.55 10.04
N VAL C 94 -6.63 9.90 8.87
CA VAL C 94 -7.90 9.36 8.38
C VAL C 94 -7.87 9.36 6.86
N LYS C 95 -8.63 8.45 6.27
CA LYS C 95 -8.75 8.39 4.82
C LYS C 95 -9.91 7.49 4.44
N GLN C 96 -10.68 7.93 3.44
CA GLN C 96 -11.90 7.24 3.02
C GLN C 96 -11.84 6.98 1.52
N PHE C 97 -11.86 5.70 1.14
CA PHE C 97 -11.86 5.29 -0.26
C PHE C 97 -13.30 5.06 -0.68
N VAL C 98 -13.79 5.90 -1.60
CA VAL C 98 -15.15 5.79 -2.12
C VAL C 98 -15.07 5.15 -3.49
N THR C 99 -15.47 3.88 -3.57
CA THR C 99 -15.49 3.13 -4.82
C THR C 99 -16.93 3.00 -5.30
N ALA C 100 -17.12 3.03 -6.61
CA ALA C 100 -18.44 2.96 -7.22
C ALA C 100 -18.63 1.58 -7.83
N GLN C 101 -19.23 0.66 -7.06
CA GLN C 101 -19.48 -0.73 -7.51
C GLN C 101 -20.38 -0.66 -8.74
N THR C 102 -21.45 0.13 -8.67
CA THR C 102 -22.43 0.33 -9.76
C THR C 102 -22.85 1.78 -9.65
N ASN C 103 -23.68 2.27 -10.55
CA ASN C 103 -24.04 3.71 -10.55
C ASN C 103 -24.69 4.05 -9.21
N ASN C 104 -25.52 3.16 -8.66
CA ASN C 104 -26.24 3.40 -7.36
C ASN C 104 -25.70 2.47 -6.27
N LYS C 105 -24.52 1.89 -6.43
CA LYS C 105 -23.90 1.03 -5.43
C LYS C 105 -22.47 1.52 -5.20
N HIS C 106 -22.21 2.01 -3.99
CA HIS C 106 -20.91 2.58 -3.65
C HIS C 106 -20.32 1.83 -2.47
N GLN C 107 -19.01 1.58 -2.53
CA GLN C 107 -18.28 0.87 -1.50
C GLN C 107 -17.31 1.84 -0.83
N VAL C 108 -17.48 2.03 0.48
CA VAL C 108 -16.67 2.96 1.26
C VAL C 108 -15.76 2.15 2.17
N THR C 109 -14.47 2.48 2.18
CA THR C 109 -13.48 1.81 3.00
C THR C 109 -12.68 2.87 3.76
N SER C 110 -13.17 3.25 4.93
CA SER C 110 -12.44 4.20 5.77
C SER C 110 -11.20 3.54 6.36
N LEU C 111 -10.17 4.36 6.58
CA LEU C 111 -8.94 3.92 7.23
C LEU C 111 -8.64 4.81 8.41
N PHE C 112 -7.91 4.26 9.37
CA PHE C 112 -7.53 4.99 10.57
C PHE C 112 -6.20 4.46 11.07
N LEU C 113 -5.25 5.37 11.27
CA LEU C 113 -3.94 5.04 11.83
C LEU C 113 -3.92 5.59 13.25
N VAL C 114 -4.08 4.70 14.23
CA VAL C 114 -4.27 5.09 15.62
C VAL C 114 -3.14 4.53 16.47
N LYS C 115 -2.65 5.33 17.39
CA LYS C 115 -1.62 4.93 18.35
C LYS C 115 -2.28 4.68 19.69
N VAL C 116 -1.95 3.56 20.32
CA VAL C 116 -2.62 3.10 21.52
C VAL C 116 -1.96 3.72 22.74
N THR C 117 -2.78 4.30 23.62
CA THR C 117 -2.29 4.87 24.87
C THR C 117 -2.36 3.89 26.03
N THR C 118 -3.26 2.91 25.96
CA THR C 118 -3.43 1.91 27.01
C THR C 118 -3.65 0.57 26.37
N GLY C 119 -2.78 -0.39 26.67
CA GLY C 119 -2.92 -1.73 26.14
C GLY C 119 -4.25 -2.35 26.51
N PHE C 120 -4.92 -2.96 25.53
CA PHE C 120 -6.21 -3.59 25.79
C PHE C 120 -6.36 -4.81 24.89
N GLN C 121 -7.17 -5.75 25.34
CA GLN C 121 -7.45 -6.98 24.61
C GLN C 121 -8.96 -7.16 24.52
N VAL C 122 -9.44 -7.55 23.35
CA VAL C 122 -10.86 -7.77 23.12
C VAL C 122 -11.03 -9.06 22.32
N ASN C 123 -12.22 -9.64 22.42
CA ASN C 123 -12.61 -10.78 21.59
C ASN C 123 -13.60 -10.32 20.54
N ASN C 124 -13.40 -10.78 19.31
CA ASN C 124 -14.17 -10.29 18.18
C ASN C 124 -14.61 -11.46 17.30
N TYR C 125 -15.79 -11.32 16.71
CA TYR C 125 -16.21 -12.24 15.66
C TYR C 125 -15.41 -11.95 14.40
N LEU C 126 -14.58 -12.89 13.98
CA LEU C 126 -13.69 -12.70 12.86
C LEU C 126 -14.12 -13.54 11.66
N SER C 127 -13.68 -13.11 10.50
CA SER C 127 -13.97 -13.79 9.24
C SER C 127 -12.92 -13.36 8.23
N TYR C 128 -13.10 -13.75 6.97
CA TYR C 128 -12.11 -13.49 5.94
C TYR C 128 -12.79 -13.50 4.59
N PHE C 129 -12.02 -13.19 3.55
CA PHE C 129 -12.53 -13.08 2.19
C PHE C 129 -12.20 -14.33 1.41
N TYR C 130 -13.23 -15.04 0.95
CA TYR C 130 -13.08 -16.29 0.21
C TYR C 130 -13.62 -16.12 -1.20
N ARG C 131 -12.85 -16.57 -2.19
CA ARG C 131 -13.28 -16.58 -3.58
C ARG C 131 -13.35 -18.02 -4.05
N ALA C 132 -14.52 -18.44 -4.52
CA ALA C 132 -14.74 -19.83 -4.90
C ALA C 132 -14.14 -20.08 -6.29
N SER C 133 -14.45 -21.25 -6.84
CA SER C 133 -13.99 -21.65 -8.16
C SER C 133 -15.17 -21.71 -9.12
N ALA C 134 -14.97 -21.23 -10.35
CA ALA C 134 -16.01 -21.19 -11.36
C ALA C 134 -15.51 -21.82 -12.64
N THR C 135 -16.35 -22.62 -13.27
CA THR C 135 -15.98 -23.31 -14.50
C THR C 135 -16.05 -22.35 -15.69
N GLY C 136 -15.21 -22.61 -16.68
CA GLY C 136 -15.17 -21.74 -17.84
C GLY C 136 -14.62 -20.38 -17.46
N ASP C 137 -15.39 -19.33 -17.78
CA ASP C 137 -14.99 -17.96 -17.47
C ASP C 137 -16.06 -17.25 -16.63
N ALA C 138 -16.90 -17.99 -15.93
CA ALA C 138 -17.96 -17.36 -15.14
C ALA C 138 -17.36 -16.48 -14.05
N THR C 139 -18.05 -15.39 -13.76
CA THR C 139 -17.58 -14.44 -12.75
C THR C 139 -17.83 -15.00 -11.36
N THR C 140 -16.84 -14.79 -10.48
CA THR C 140 -16.94 -15.20 -9.08
C THR C 140 -16.62 -14.01 -8.19
N ASN C 141 -17.34 -13.89 -7.08
CA ASN C 141 -17.31 -12.70 -6.24
C ASN C 141 -16.39 -12.91 -5.05
N LEU C 142 -15.55 -11.92 -4.79
CA LEU C 142 -14.61 -11.94 -3.65
C LEU C 142 -15.42 -11.71 -2.38
N LEU C 143 -16.10 -12.76 -1.95
CA LEU C 143 -17.10 -12.66 -0.90
C LEU C 143 -16.44 -12.64 0.48
N VAL C 144 -17.26 -12.68 1.53
CA VAL C 144 -16.81 -12.76 2.91
C VAL C 144 -17.49 -13.98 3.54
N ARG C 145 -16.72 -14.82 4.19
CA ARG C 145 -17.28 -16.01 4.81
C ARG C 145 -18.29 -15.63 5.88
N GLY C 146 -19.54 -16.05 5.70
CA GLY C 146 -20.58 -15.74 6.66
C GLY C 146 -20.47 -16.50 7.96
N ASP C 147 -19.49 -17.40 8.08
CA ASP C 147 -19.26 -18.17 9.30
C ASP C 147 -18.27 -17.41 10.19
N THR C 148 -18.76 -16.91 11.32
CA THR C 148 -17.91 -16.17 12.24
C THR C 148 -17.09 -17.14 13.10
N TYR C 149 -16.13 -16.58 13.82
CA TYR C 149 -15.29 -17.39 14.69
C TYR C 149 -14.68 -16.48 15.75
N THR C 150 -15.18 -16.57 16.99
CA THR C 150 -14.69 -15.73 18.06
C THR C 150 -13.19 -15.92 18.25
N ALA C 151 -12.48 -14.81 18.43
CA ALA C 151 -11.04 -14.86 18.62
C ALA C 151 -10.61 -13.63 19.41
N GLY C 152 -9.41 -13.70 19.97
CA GLY C 152 -8.88 -12.62 20.79
C GLY C 152 -7.86 -11.80 20.03
N ILE C 153 -7.98 -10.48 20.16
CA ILE C 153 -7.08 -9.52 19.53
C ILE C 153 -6.41 -8.72 20.63
N SER C 154 -5.08 -8.64 20.58
CA SER C 154 -4.28 -7.97 21.60
C SER C 154 -3.64 -6.73 21.00
N PHE C 155 -3.84 -5.59 21.65
CA PHE C 155 -3.27 -4.31 21.24
C PHE C 155 -2.27 -3.84 22.30
N THR C 156 -1.10 -3.43 21.85
CA THR C 156 0.00 -3.10 22.75
C THR C 156 0.07 -1.60 22.98
N GLN C 157 0.42 -1.21 24.21
CA GLN C 157 0.53 0.20 24.54
C GLN C 157 1.60 0.87 23.69
N GLY C 158 1.31 2.09 23.25
CA GLY C 158 2.30 2.88 22.53
C GLY C 158 2.71 2.31 21.20
N GLY C 159 1.89 1.45 20.60
CA GLY C 159 2.17 0.86 19.30
C GLY C 159 1.18 1.36 18.25
N TRP C 160 1.68 1.55 17.04
CA TRP C 160 0.82 2.00 15.94
C TRP C 160 -0.11 0.87 15.51
N TYR C 161 -1.24 1.26 14.94
CA TYR C 161 -2.20 0.30 14.39
C TYR C 161 -2.97 0.99 13.28
N LEU C 162 -3.27 0.24 12.23
CA LEU C 162 -4.00 0.77 11.07
C LEU C 162 -5.38 0.13 11.07
N LEU C 163 -6.30 0.70 11.83
CA LEU C 163 -7.66 0.18 11.86
C LEU C 163 -8.31 0.39 10.49
N THR C 164 -9.56 -0.07 10.35
CA THR C 164 -10.23 -0.02 9.07
C THR C 164 -11.73 -0.06 9.30
N ASN C 165 -12.47 0.14 8.21
CA ASN C 165 -13.91 -0.08 8.19
C ASN C 165 -14.37 -0.10 6.73
N THR C 166 -15.31 -0.99 6.43
CA THR C 166 -15.86 -1.11 5.08
C THR C 166 -17.37 -1.14 5.16
N SER C 167 -18.02 -0.52 4.17
CA SER C 167 -19.47 -0.42 4.17
C SER C 167 -19.98 -0.35 2.74
N ILE C 168 -21.25 -0.74 2.58
CA ILE C 168 -21.96 -0.66 1.31
C ILE C 168 -23.11 0.32 1.50
N VAL C 169 -23.13 1.38 0.67
CA VAL C 169 -24.16 2.40 0.74
C VAL C 169 -24.87 2.44 -0.61
N ASP C 170 -26.20 2.34 -0.57
CA ASP C 170 -27.03 2.29 -1.77
C ASP C 170 -27.79 3.59 -1.92
N GLY C 171 -27.80 4.13 -3.13
CA GLY C 171 -28.52 5.36 -3.42
C GLY C 171 -27.60 6.55 -3.56
N MET C 173 -25.18 9.56 -2.71
CA MET C 173 -24.06 9.60 -1.79
C MET C 173 -24.05 10.91 -1.01
N PRO C 174 -23.64 10.90 0.26
CA PRO C 174 -23.47 12.16 0.98
C PRO C 174 -22.34 12.97 0.38
N PRO C 175 -22.39 14.29 0.51
CA PRO C 175 -21.44 15.14 -0.23
C PRO C 175 -20.04 15.21 0.38
N TRP C 177 -17.38 13.25 3.86
CA TRP C 177 -17.05 12.08 4.67
C TRP C 177 -18.32 11.37 5.09
N VAL C 178 -18.32 10.05 4.97
CA VAL C 178 -19.47 9.22 5.28
C VAL C 178 -19.23 8.50 6.60
N TRP C 179 -20.15 8.67 7.55
CA TRP C 179 -20.09 8.03 8.84
C TRP C 179 -20.99 6.79 8.90
N ASN C 180 -21.11 6.07 7.80
CA ASN C 180 -21.93 4.87 7.73
C ASN C 180 -21.10 3.65 8.08
N ASN C 181 -21.44 2.99 9.18
CA ASN C 181 -20.81 1.75 9.59
C ASN C 181 -21.78 0.61 9.34
N VAL C 182 -21.38 -0.35 8.51
CA VAL C 182 -22.21 -1.49 8.17
C VAL C 182 -21.33 -2.73 8.14
N GLU C 183 -21.89 -3.85 8.60
CA GLU C 183 -21.15 -5.10 8.68
C GLU C 183 -20.58 -5.48 7.31
N LEU C 184 -19.63 -6.40 7.33
CA LEU C 184 -19.16 -7.04 6.12
C LEU C 184 -20.20 -8.09 5.72
N LYS C 185 -20.93 -7.82 4.65
CA LYS C 185 -22.09 -8.64 4.30
C LYS C 185 -21.65 -10.01 3.78
N THR C 186 -22.60 -10.93 3.75
CA THR C 186 -22.44 -12.23 3.13
C THR C 186 -23.26 -12.28 1.85
N ASN C 187 -22.69 -12.89 0.81
CA ASN C 187 -23.29 -12.91 -0.52
C ASN C 187 -23.25 -11.54 -1.19
N THR C 188 -22.24 -10.73 -0.86
CA THR C 188 -22.05 -9.42 -1.47
C THR C 188 -20.62 -9.32 -1.98
N ALA C 189 -20.47 -9.04 -3.28
CA ALA C 189 -19.13 -8.91 -3.85
C ALA C 189 -18.44 -7.68 -3.31
N TYR C 190 -17.12 -7.79 -3.09
CA TYR C 190 -16.32 -6.71 -2.54
C TYR C 190 -15.14 -6.46 -3.48
N HIS C 191 -15.33 -5.57 -4.46
CA HIS C 191 -14.23 -5.22 -5.34
C HIS C 191 -13.08 -4.64 -4.52
N MET C 192 -11.86 -5.08 -4.82
CA MET C 192 -10.69 -4.66 -4.07
C MET C 192 -10.39 -3.20 -4.33
N ASP C 193 -9.90 -2.52 -3.29
CA ASP C 193 -9.45 -1.14 -3.39
C ASP C 193 -8.18 -1.00 -2.57
N LYS C 194 -7.56 0.18 -2.67
CA LYS C 194 -6.25 0.39 -2.04
C LYS C 194 -6.31 0.16 -0.53
N GLY C 195 -7.44 0.45 0.10
CA GLY C 195 -7.59 0.28 1.53
C GLY C 195 -7.99 -1.11 1.96
N LEU C 196 -8.07 -2.06 1.03
CA LEU C 196 -8.50 -3.41 1.32
C LEU C 196 -7.51 -4.47 0.84
N VAL C 197 -6.41 -4.06 0.22
CA VAL C 197 -5.50 -5.02 -0.38
C VAL C 197 -4.80 -5.86 0.68
N HIS C 198 -4.61 -5.32 1.89
CA HIS C 198 -3.92 -6.03 2.96
C HIS C 198 -4.87 -6.82 3.86
N LEU C 199 -6.03 -7.24 3.34
CA LEU C 199 -7.00 -8.00 4.11
C LEU C 199 -7.37 -9.29 3.40
N ILE C 200 -6.50 -9.77 2.51
CA ILE C 200 -6.68 -11.06 1.87
C ILE C 200 -5.70 -12.09 2.39
N MET C 201 -4.53 -11.68 2.88
CA MET C 201 -3.57 -12.53 3.56
C MET C 201 -2.50 -11.63 4.17
N PRO C 202 -2.09 -11.85 5.42
CA PRO C 202 -1.15 -10.91 6.04
C PRO C 202 0.13 -10.75 5.23
N LEU C 203 0.50 -9.50 4.99
CA LEU C 203 1.71 -9.23 4.26
C LEU C 203 2.94 -9.51 5.13
N PRO C 204 4.10 -9.73 4.52
CA PRO C 204 5.29 -10.00 5.30
C PRO C 204 5.73 -8.77 6.09
N GLU C 205 6.50 -9.01 7.14
CA GLU C 205 7.12 -7.91 7.87
C GLU C 205 8.10 -7.18 6.96
N SER C 206 8.20 -5.87 7.19
CA SER C 206 9.05 -4.94 6.44
C SER C 206 8.43 -4.52 5.11
N THR C 207 7.17 -4.86 4.85
CA THR C 207 6.51 -4.44 3.61
C THR C 207 5.97 -3.03 3.78
N GLN C 208 6.37 -2.12 2.89
CA GLN C 208 5.99 -0.72 2.99
C GLN C 208 4.79 -0.45 2.08
N MET C 209 3.85 0.34 2.58
CA MET C 209 2.62 0.67 1.86
C MET C 209 2.31 2.14 2.11
N CYS C 210 2.78 3.02 1.24
CA CYS C 210 2.62 4.44 1.49
C CYS C 210 1.24 4.92 1.04
N TYR C 211 0.62 5.74 1.88
CA TYR C 211 -0.80 6.06 1.78
C TYR C 211 -0.95 7.57 1.74
N GLU C 212 -2.06 8.02 1.16
CA GLU C 212 -2.44 9.44 1.18
C GLU C 212 -3.53 9.59 2.23
N MET C 213 -3.13 9.96 3.44
CA MET C 213 -4.03 10.04 4.59
C MET C 213 -4.15 11.50 5.01
N LEU C 214 -5.39 11.97 5.17
CA LEU C 214 -5.63 13.33 5.62
C LEU C 214 -5.28 13.47 7.09
N THR C 215 -5.54 14.66 7.64
CA THR C 215 -5.46 14.90 9.08
C THR C 215 -6.69 15.64 9.57
N SER C 216 -7.80 15.56 8.84
CA SER C 216 -9.06 16.17 9.23
C SER C 216 -10.15 15.52 8.42
N ILE C 217 -11.40 15.74 8.83
CA ILE C 217 -12.54 15.19 8.12
C ILE C 217 -12.56 15.69 6.68
N GLU D 4 18.69 2.91 -8.62
CA GLU D 4 17.50 2.57 -7.85
C GLU D 4 16.59 3.78 -7.69
N TYR D 5 15.29 3.52 -7.69
CA TYR D 5 14.28 4.57 -7.57
C TYR D 5 13.19 4.08 -6.62
N LYS D 6 12.11 4.85 -6.52
CA LYS D 6 10.94 4.46 -5.71
C LYS D 6 9.71 4.82 -6.55
N VAL D 7 9.29 3.94 -7.46
CA VAL D 7 8.23 4.26 -8.40
C VAL D 7 6.91 4.46 -7.67
N VAL D 8 6.05 5.31 -8.22
CA VAL D 8 4.69 5.52 -7.73
C VAL D 8 3.76 5.31 -8.93
N LEU D 9 3.30 4.07 -9.11
CA LEU D 9 2.43 3.73 -10.24
C LEU D 9 1.03 4.27 -10.01
N THR D 10 0.31 4.46 -11.11
CA THR D 10 -1.10 4.87 -11.08
C THR D 10 -1.87 3.90 -11.98
N PHE D 11 -2.47 2.89 -11.38
CA PHE D 11 -3.11 1.83 -12.15
C PHE D 11 -4.24 2.38 -12.99
N GLY D 12 -4.27 1.99 -14.27
CA GLY D 12 -5.35 2.36 -15.17
C GLY D 12 -6.47 1.34 -15.13
N SER D 13 -7.40 1.50 -16.08
CA SER D 13 -8.54 0.60 -16.14
C SER D 13 -8.07 -0.82 -16.51
N PRO D 14 -8.73 -1.88 -15.99
CA PRO D 14 -8.26 -3.24 -16.22
C PRO D 14 -8.02 -3.57 -17.68
N MET D 15 -6.98 -4.38 -17.96
CA MET D 15 -6.65 -4.82 -19.34
C MET D 15 -7.62 -5.93 -19.74
N SER D 16 -7.62 -6.37 -21.00
CA SER D 16 -8.46 -7.51 -21.47
C SER D 16 -7.93 -8.81 -20.84
N PRO D 17 -8.73 -9.87 -20.64
CA PRO D 17 -10.19 -9.76 -20.52
C PRO D 17 -10.66 -9.45 -19.10
N ASN D 18 -9.78 -8.97 -18.24
CA ASN D 18 -10.11 -8.58 -16.87
C ASN D 18 -11.07 -7.39 -16.87
N ALA D 19 -11.73 -7.19 -15.74
CA ALA D 19 -12.61 -6.04 -15.56
C ALA D 19 -12.75 -5.78 -14.07
N ASN D 20 -13.20 -4.57 -13.74
CA ASN D 20 -13.27 -4.19 -12.33
C ASN D 20 -14.18 -5.12 -11.54
N ASN D 21 -15.26 -5.60 -12.15
CA ASN D 21 -16.22 -6.47 -11.48
C ASN D 21 -15.98 -7.95 -11.81
N LYS D 22 -14.73 -8.34 -12.02
CA LYS D 22 -14.39 -9.74 -12.27
C LYS D 22 -13.00 -10.01 -11.71
N GLN D 23 -12.65 -11.29 -11.66
CA GLN D 23 -11.36 -11.71 -11.15
C GLN D 23 -10.22 -11.43 -12.13
N THR D 24 -9.02 -11.23 -11.61
CA THR D 24 -7.83 -11.04 -12.43
C THR D 24 -7.22 -12.28 -13.06
N TRP D 25 -7.23 -12.34 -14.39
CA TRP D 25 -6.75 -13.51 -15.11
C TRP D 25 -5.23 -13.45 -15.26
N VAL D 26 -4.59 -14.61 -15.17
CA VAL D 26 -3.14 -14.71 -15.23
C VAL D 26 -2.75 -15.88 -16.12
N ASN D 27 -1.70 -15.68 -16.92
CA ASN D 27 -1.22 -16.70 -17.84
C ASN D 27 -0.49 -17.83 -17.11
N LYS D 28 -1.21 -18.89 -16.78
CA LYS D 28 -0.68 -19.94 -15.91
C LYS D 28 0.42 -20.76 -16.59
N PRO D 29 0.11 -21.53 -17.64
CA PRO D 29 1.15 -22.43 -18.20
C PRO D 29 2.25 -21.68 -18.94
N LEU D 30 3.23 -22.42 -19.47
CA LEU D 30 4.34 -21.84 -20.20
C LEU D 30 4.21 -22.01 -21.71
N ASP D 31 3.08 -22.51 -22.20
CA ASP D 31 2.84 -22.69 -23.62
C ASP D 31 1.53 -22.03 -24.00
N ALA D 32 1.23 -22.02 -25.30
CA ALA D 32 0.05 -21.39 -25.84
C ALA D 32 -0.51 -22.28 -26.94
N PRO D 33 -1.76 -22.07 -27.34
CA PRO D 33 -2.33 -22.86 -28.44
C PRO D 33 -1.46 -22.78 -29.68
N SER D 34 -1.77 -23.65 -30.64
CA SER D 34 -0.94 -23.74 -31.85
C SER D 34 -0.84 -22.39 -32.54
N GLY D 35 0.37 -22.05 -32.97
CA GLY D 35 0.60 -20.79 -33.66
C GLY D 35 0.64 -19.58 -32.76
N HIS D 36 0.89 -19.75 -31.46
CA HIS D 36 0.93 -18.64 -30.52
C HIS D 36 2.08 -18.86 -29.55
N TYR D 37 2.48 -17.76 -28.91
CA TYR D 37 3.66 -17.77 -28.05
C TYR D 37 3.36 -17.04 -26.76
N ASN D 38 4.17 -17.29 -25.75
CA ASN D 38 4.07 -16.60 -24.47
C ASN D 38 4.87 -15.30 -24.51
N VAL D 39 4.67 -14.49 -23.48
CA VAL D 39 5.36 -13.20 -23.36
C VAL D 39 6.52 -13.42 -22.39
N LYS D 40 7.66 -13.80 -22.94
CA LYS D 40 8.84 -14.07 -22.13
C LYS D 40 9.57 -12.78 -21.81
N ILE D 41 10.10 -12.70 -20.58
CA ILE D 41 10.94 -11.58 -20.18
C ILE D 41 12.37 -12.09 -20.07
N ALA D 42 13.13 -12.00 -21.16
CA ALA D 42 14.36 -12.75 -21.34
C ALA D 42 15.57 -11.83 -21.25
N LYS D 43 16.44 -12.08 -20.26
CA LYS D 43 17.74 -11.44 -20.24
C LYS D 43 18.67 -12.04 -21.27
N ASP D 44 18.65 -13.37 -21.41
CA ASP D 44 19.31 -14.06 -22.51
C ASP D 44 18.51 -15.33 -22.82
N VAL D 45 19.04 -16.16 -23.72
CA VAL D 45 18.30 -17.32 -24.18
C VAL D 45 18.04 -18.29 -23.04
N ASP D 46 19.04 -18.50 -22.17
CA ASP D 46 18.88 -19.49 -21.10
C ASP D 46 17.97 -18.98 -19.99
N HIS D 47 18.10 -17.70 -19.63
CA HIS D 47 17.35 -17.12 -18.52
C HIS D 47 16.20 -16.29 -19.05
N TYR D 48 14.99 -16.59 -18.58
CA TYR D 48 13.82 -15.79 -18.93
C TYR D 48 12.65 -16.23 -18.07
N LEU D 49 11.84 -15.26 -17.66
CA LEU D 49 10.65 -15.49 -16.85
C LEU D 49 9.42 -15.36 -17.72
N THR D 50 8.50 -16.31 -17.62
CA THR D 50 7.27 -16.28 -18.40
C THR D 50 6.26 -15.37 -17.70
N MET D 51 5.85 -14.32 -18.39
CA MET D 51 4.86 -13.40 -17.83
C MET D 51 3.62 -14.17 -17.42
N GLN D 52 3.15 -13.93 -16.20
CA GLN D 52 1.95 -14.58 -15.70
C GLN D 52 0.89 -13.52 -15.47
N GLY D 53 1.16 -12.50 -14.66
CA GLY D 53 0.18 -11.47 -14.43
C GLY D 53 0.42 -10.25 -15.28
N PHE D 54 -0.67 -9.62 -15.72
CA PHE D 54 -0.61 -8.41 -16.51
C PHE D 54 -1.49 -7.35 -15.87
N THR D 55 -1.06 -6.09 -15.93
CA THR D 55 -1.84 -4.98 -15.41
C THR D 55 -1.55 -3.75 -16.24
N SER D 56 -2.46 -2.79 -16.18
CA SER D 56 -2.38 -1.57 -16.95
C SER D 56 -1.96 -0.40 -16.06
N ILE D 57 -0.94 0.33 -16.51
CA ILE D 57 -0.41 1.47 -15.76
C ILE D 57 -0.65 2.72 -16.59
N ALA D 58 -1.32 3.71 -15.99
CA ALA D 58 -1.61 4.95 -16.70
C ALA D 58 -0.39 5.86 -16.74
N SER D 59 0.11 6.26 -15.57
CA SER D 59 1.26 7.15 -15.48
C SER D 59 2.17 6.66 -14.35
N VAL D 60 3.44 7.04 -14.45
CA VAL D 60 4.46 6.63 -13.49
C VAL D 60 5.19 7.88 -13.00
N ASP D 61 5.35 7.99 -11.68
CA ASP D 61 6.11 9.06 -11.07
C ASP D 61 7.31 8.46 -10.34
N TRP D 62 8.50 9.00 -10.60
CA TRP D 62 9.74 8.48 -10.06
C TRP D 62 10.24 9.41 -8.97
N TYR D 63 10.49 8.84 -7.78
CA TYR D 63 11.12 9.56 -6.69
C TYR D 63 12.32 8.76 -6.21
N THR D 64 13.39 9.46 -5.83
CA THR D 64 14.60 8.81 -5.36
C THR D 64 14.34 8.11 -4.02
N ILE D 65 15.39 7.52 -3.47
CA ILE D 65 15.24 6.71 -2.26
C ILE D 65 14.72 7.56 -1.11
N ASP D 66 15.26 8.77 -0.95
CA ASP D 66 14.78 9.70 0.06
C ASP D 66 13.51 10.44 -0.39
N PHE D 67 12.88 9.96 -1.47
CA PHE D 67 11.66 10.55 -2.01
C PHE D 67 11.87 12.02 -2.39
N GLN D 68 12.74 12.23 -3.38
CA GLN D 68 12.98 13.53 -3.97
C GLN D 68 12.73 13.46 -5.47
N PRO D 69 12.42 14.59 -6.11
CA PRO D 69 12.06 14.54 -7.54
C PRO D 69 13.18 13.98 -8.39
N SER D 70 12.79 13.28 -9.45
CA SER D 70 13.75 12.70 -10.38
C SER D 70 13.05 12.47 -11.71
N GLU D 71 13.85 12.23 -12.75
CA GLU D 71 13.36 11.99 -14.10
C GLU D 71 13.32 10.49 -14.39
N ALA D 72 12.57 10.14 -15.43
CA ALA D 72 12.41 8.74 -15.78
C ALA D 72 13.77 8.13 -16.15
N PRO D 73 14.05 6.90 -15.75
CA PRO D 73 15.35 6.30 -16.05
C PRO D 73 15.41 5.75 -17.47
N ALA D 74 16.62 5.44 -17.90
CA ALA D 74 16.81 4.79 -19.19
C ALA D 74 16.36 3.33 -19.09
N PRO D 75 15.90 2.75 -20.20
CA PRO D 75 15.43 1.36 -20.15
C PRO D 75 16.54 0.42 -19.74
N ILE D 76 16.18 -0.61 -18.98
CA ILE D 76 17.14 -1.59 -18.51
C ILE D 76 17.78 -2.26 -19.71
N LYS D 77 19.08 -2.04 -19.90
CA LYS D 77 19.76 -2.60 -21.05
C LYS D 77 19.97 -4.09 -20.87
N GLY D 78 19.63 -4.86 -21.91
CA GLY D 78 19.78 -6.30 -21.89
C GLY D 78 18.51 -7.07 -21.57
N LEU D 79 17.47 -6.40 -21.08
CA LEU D 79 16.20 -7.04 -20.76
C LEU D 79 15.17 -6.66 -21.81
N GLN D 80 14.50 -7.67 -22.35
CA GLN D 80 13.44 -7.48 -23.34
C GLN D 80 12.16 -8.12 -22.83
N VAL D 81 11.11 -7.97 -23.61
CA VAL D 81 9.87 -8.73 -23.43
C VAL D 81 9.59 -9.39 -24.77
N LEU D 82 10.09 -10.60 -24.95
CA LEU D 82 10.06 -11.27 -26.23
C LEU D 82 8.74 -12.02 -26.41
N VAL D 83 8.08 -11.78 -27.53
CA VAL D 83 6.99 -12.63 -28.01
C VAL D 83 7.52 -13.36 -29.23
N ASN D 84 7.65 -14.68 -29.13
CA ASN D 84 8.34 -15.46 -30.16
C ASN D 84 9.79 -14.97 -30.19
N ILE D 85 10.30 -14.51 -31.33
CA ILE D 85 11.67 -14.03 -31.43
C ILE D 85 11.77 -12.52 -31.57
N SER D 86 10.64 -11.81 -31.58
CA SER D 86 10.63 -10.36 -31.80
C SER D 86 10.42 -9.64 -30.48
N LYS D 87 11.13 -8.52 -30.30
CA LYS D 87 11.00 -7.70 -29.11
C LYS D 87 9.72 -6.86 -29.18
N LYS D 88 9.09 -6.66 -28.03
CA LYS D 88 7.81 -5.96 -27.97
C LYS D 88 7.73 -4.94 -26.83
N ALA D 89 8.79 -4.73 -26.07
CA ALA D 89 8.75 -3.75 -24.98
C ALA D 89 10.15 -3.59 -24.41
N ASP D 90 10.30 -2.57 -23.58
CA ASP D 90 11.51 -2.32 -22.82
C ASP D 90 11.17 -2.37 -21.33
N VAL D 91 12.10 -2.87 -20.53
CA VAL D 91 11.93 -2.99 -19.09
C VAL D 91 12.58 -1.78 -18.44
N TYR D 92 11.78 -1.01 -17.70
CA TYR D 92 12.25 0.23 -17.09
C TYR D 92 12.52 0.10 -15.60
N ALA D 93 12.04 -0.95 -14.95
CA ALA D 93 12.26 -1.12 -13.52
C ALA D 93 11.91 -2.54 -13.09
N VAL D 94 12.80 -3.19 -12.35
CA VAL D 94 12.62 -4.58 -11.93
C VAL D 94 12.65 -4.64 -10.42
N LYS D 95 11.98 -5.65 -9.87
CA LYS D 95 11.95 -5.86 -8.43
C LYS D 95 11.56 -7.32 -8.17
N GLN D 96 12.07 -7.86 -7.07
CA GLN D 96 11.84 -9.26 -6.72
C GLN D 96 11.56 -9.36 -5.23
N PHE D 97 10.30 -9.59 -4.87
CA PHE D 97 9.89 -9.72 -3.47
C PHE D 97 10.02 -11.18 -3.07
N VAL D 98 11.14 -11.52 -2.43
CA VAL D 98 11.38 -12.89 -2.01
C VAL D 98 10.67 -13.14 -0.69
N THR D 99 9.83 -14.17 -0.65
CA THR D 99 9.11 -14.57 0.55
C THR D 99 9.39 -16.04 0.82
N ALA D 100 9.78 -16.35 2.05
CA ALA D 100 10.16 -17.71 2.43
C ALA D 100 8.97 -18.36 3.14
N GLN D 101 8.31 -19.29 2.46
CA GLN D 101 7.21 -20.02 3.09
C GLN D 101 7.71 -20.87 4.26
N THR D 102 8.76 -21.63 4.03
CA THR D 102 9.44 -22.39 5.08
C THR D 102 10.92 -22.45 4.74
N ASN D 103 11.66 -23.28 5.45
CA ASN D 103 13.08 -23.44 5.14
C ASN D 103 13.28 -24.04 3.75
N ASN D 104 12.42 -24.99 3.38
CA ASN D 104 12.57 -25.70 2.11
C ASN D 104 11.86 -24.99 0.96
N LYS D 105 10.76 -24.29 1.23
CA LYS D 105 9.95 -23.67 0.19
C LYS D 105 10.04 -22.15 0.30
N HIS D 106 10.42 -21.50 -0.80
CA HIS D 106 10.49 -20.06 -0.88
C HIS D 106 9.73 -19.57 -2.09
N GLN D 107 8.89 -18.56 -1.90
CA GLN D 107 8.19 -17.90 -2.98
C GLN D 107 9.01 -16.72 -3.47
N VAL D 108 8.93 -16.46 -4.78
CA VAL D 108 9.68 -15.38 -5.41
C VAL D 108 8.77 -14.71 -6.43
N THR D 109 8.33 -13.50 -6.13
CA THR D 109 7.50 -12.72 -7.04
C THR D 109 8.36 -11.63 -7.66
N SER D 110 8.42 -11.60 -8.99
CA SER D 110 9.21 -10.63 -9.73
C SER D 110 8.26 -9.70 -10.48
N LEU D 111 8.40 -8.40 -10.24
CA LEU D 111 7.58 -7.38 -10.87
C LEU D 111 8.41 -6.68 -11.94
N PHE D 112 7.91 -6.69 -13.18
CA PHE D 112 8.58 -6.02 -14.29
C PHE D 112 7.68 -4.89 -14.76
N LEU D 113 8.23 -3.68 -14.80
CA LEU D 113 7.52 -2.52 -15.33
C LEU D 113 8.06 -2.27 -16.74
N VAL D 114 7.21 -2.39 -17.76
CA VAL D 114 7.67 -2.28 -19.17
C VAL D 114 6.97 -1.13 -19.88
N LYS D 115 7.37 -0.83 -21.12
CA LYS D 115 6.72 0.23 -21.93
C LYS D 115 6.71 -0.28 -23.37
N VAL D 116 5.57 -0.78 -23.85
CA VAL D 116 5.49 -1.42 -25.20
C VAL D 116 6.09 -0.53 -26.29
N THR D 117 6.89 -1.09 -27.20
CA THR D 117 7.38 -0.39 -28.37
C THR D 117 6.44 -0.55 -29.56
N THR D 118 5.92 -1.76 -29.77
CA THR D 118 4.95 -2.03 -30.83
C THR D 118 3.81 -2.83 -30.24
N GLY D 119 2.58 -2.41 -30.53
CA GLY D 119 1.43 -3.12 -30.02
C GLY D 119 1.34 -4.53 -30.60
N PHE D 120 0.81 -5.44 -29.78
CA PHE D 120 0.68 -6.83 -30.19
C PHE D 120 -0.45 -7.46 -29.38
N GLN D 121 -0.92 -8.61 -29.87
CA GLN D 121 -1.96 -9.36 -29.19
C GLN D 121 -1.67 -10.85 -29.34
N VAL D 122 -1.76 -11.58 -28.24
CA VAL D 122 -1.51 -13.02 -28.23
C VAL D 122 -2.61 -13.71 -27.42
N ASN D 123 -2.77 -15.00 -27.68
CA ASN D 123 -3.74 -15.83 -26.99
C ASN D 123 -3.01 -16.71 -25.99
N ASN D 124 -3.42 -16.65 -24.73
CA ASN D 124 -2.74 -17.38 -23.66
C ASN D 124 -3.76 -18.05 -22.76
N TYR D 125 -3.34 -19.16 -22.15
CA TYR D 125 -4.17 -19.87 -21.20
C TYR D 125 -4.21 -19.10 -19.89
N LEU D 126 -5.41 -18.73 -19.44
CA LEU D 126 -5.58 -17.86 -18.29
C LEU D 126 -6.21 -18.60 -17.12
N SER D 127 -6.00 -18.04 -15.93
CA SER D 127 -6.53 -18.60 -14.70
C SER D 127 -6.51 -17.48 -13.66
N TYR D 128 -7.11 -17.75 -12.49
CA TYR D 128 -7.23 -16.73 -11.47
C TYR D 128 -6.99 -17.32 -10.08
N PHE D 129 -6.39 -16.52 -9.22
CA PHE D 129 -6.20 -16.92 -7.84
C PHE D 129 -7.56 -17.16 -7.17
N TYR D 130 -7.64 -18.20 -6.36
CA TYR D 130 -8.88 -18.50 -5.66
C TYR D 130 -8.55 -19.12 -4.31
N ARG D 131 -9.51 -19.08 -3.41
CA ARG D 131 -9.33 -19.58 -2.06
C ARG D 131 -10.68 -20.04 -1.53
N ALA D 132 -10.88 -21.35 -1.49
CA ALA D 132 -12.16 -21.90 -1.11
C ALA D 132 -12.47 -21.61 0.36
N SER D 133 -13.76 -21.68 0.70
CA SER D 133 -14.17 -21.55 2.08
C SER D 133 -13.66 -22.73 2.89
N ALA D 134 -13.49 -22.50 4.19
CA ALA D 134 -13.02 -23.54 5.11
C ALA D 134 -13.96 -23.61 6.31
N THR D 135 -14.00 -24.79 6.91
CA THR D 135 -14.81 -25.02 8.10
C THR D 135 -13.98 -24.73 9.35
N GLY D 136 -14.68 -24.33 10.41
CA GLY D 136 -13.97 -23.95 11.63
C GLY D 136 -13.06 -22.77 11.36
N ASP D 137 -11.78 -22.93 11.72
CA ASP D 137 -10.79 -21.86 11.56
C ASP D 137 -9.53 -22.34 10.85
N ALA D 138 -9.57 -23.52 10.23
CA ALA D 138 -8.38 -24.09 9.62
C ALA D 138 -7.84 -23.17 8.54
N THR D 139 -6.51 -23.13 8.42
CA THR D 139 -5.88 -22.36 7.37
C THR D 139 -6.31 -22.87 6.00
N THR D 140 -6.65 -21.96 5.11
CA THR D 140 -7.09 -22.29 3.76
C THR D 140 -6.22 -21.55 2.76
N ASN D 141 -5.73 -22.28 1.76
CA ASN D 141 -4.66 -21.80 0.89
C ASN D 141 -5.20 -20.95 -0.25
N LEU D 142 -4.33 -20.09 -0.77
CA LEU D 142 -4.63 -19.22 -1.91
C LEU D 142 -4.04 -19.87 -3.15
N LEU D 143 -4.77 -20.81 -3.74
CA LEU D 143 -4.27 -21.61 -4.85
C LEU D 143 -4.55 -20.90 -6.17
N VAL D 144 -4.26 -21.58 -7.28
CA VAL D 144 -4.57 -21.09 -8.62
C VAL D 144 -5.39 -22.18 -9.32
N ARG D 145 -6.48 -21.78 -9.97
CA ARG D 145 -7.39 -22.73 -10.60
C ARG D 145 -6.63 -23.65 -11.55
N GLY D 146 -7.18 -24.84 -11.79
CA GLY D 146 -6.54 -25.81 -12.67
C GLY D 146 -6.97 -25.67 -14.12
N ASP D 147 -8.29 -25.63 -14.36
CA ASP D 147 -8.77 -25.40 -15.75
C ASP D 147 -8.11 -24.12 -16.26
N THR D 148 -7.75 -24.02 -17.53
CA THR D 148 -7.20 -22.78 -18.11
C THR D 148 -8.08 -22.36 -19.26
N TYR D 149 -8.69 -21.18 -19.35
CA TYR D 149 -9.59 -20.50 -20.34
C TYR D 149 -8.76 -19.73 -21.35
N THR D 150 -8.74 -20.16 -22.61
CA THR D 150 -7.99 -19.47 -23.67
C THR D 150 -8.64 -18.14 -23.88
N ALA D 151 -7.88 -17.05 -23.88
CA ALA D 151 -8.44 -15.68 -24.00
C ALA D 151 -7.43 -14.80 -24.72
N GLY D 152 -7.89 -13.79 -25.46
CA GLY D 152 -7.00 -12.90 -26.19
C GLY D 152 -6.51 -11.76 -25.31
N ILE D 153 -5.24 -11.42 -25.47
CA ILE D 153 -4.59 -10.37 -24.70
C ILE D 153 -4.13 -9.29 -25.67
N SER D 154 -4.30 -8.03 -25.28
CA SER D 154 -3.99 -6.90 -26.14
CA SER D 154 -3.99 -6.89 -26.13
C SER D 154 -3.06 -5.93 -25.41
N PHE D 155 -2.07 -5.42 -26.14
CA PHE D 155 -1.14 -4.42 -25.64
C PHE D 155 -1.17 -3.22 -26.56
N THR D 156 -0.98 -2.04 -25.98
CA THR D 156 -1.03 -0.78 -26.71
C THR D 156 0.35 -0.13 -26.73
N GLN D 157 0.75 0.35 -27.89
CA GLN D 157 2.05 1.01 -28.02
C GLN D 157 2.13 2.21 -27.09
N GLY D 158 3.26 2.33 -26.40
CA GLY D 158 3.51 3.48 -25.56
C GLY D 158 2.84 3.45 -24.20
N GLY D 159 2.17 2.37 -23.84
CA GLY D 159 1.47 2.28 -22.58
C GLY D 159 2.25 1.49 -21.55
N TRP D 160 2.48 2.12 -20.40
CA TRP D 160 3.19 1.46 -19.32
C TRP D 160 2.40 0.24 -18.84
N TYR D 161 3.09 -0.88 -18.64
CA TYR D 161 2.48 -2.10 -18.17
C TYR D 161 3.33 -2.71 -17.07
N LEU D 162 2.67 -3.40 -16.14
CA LEU D 162 3.33 -4.05 -15.01
C LEU D 162 3.06 -5.54 -15.09
N LEU D 163 4.10 -6.30 -15.43
CA LEU D 163 3.98 -7.75 -15.55
C LEU D 163 4.32 -8.40 -14.21
N THR D 164 4.48 -9.71 -14.20
CA THR D 164 4.72 -10.44 -12.96
C THR D 164 5.22 -11.84 -13.31
N ASN D 165 5.81 -12.51 -12.32
CA ASN D 165 6.17 -13.91 -12.45
C ASN D 165 6.46 -14.47 -11.08
N THR D 166 5.73 -15.51 -10.68
CA THR D 166 5.84 -16.11 -9.36
C THR D 166 6.36 -17.53 -9.49
N SER D 167 7.45 -17.84 -8.81
CA SER D 167 8.08 -19.16 -8.86
C SER D 167 8.37 -19.63 -7.44
N ILE D 168 7.82 -20.79 -7.07
CA ILE D 168 8.03 -21.36 -5.74
C ILE D 168 9.34 -22.13 -5.82
N VAL D 169 10.47 -21.45 -5.57
CA VAL D 169 11.81 -22.08 -5.70
C VAL D 169 12.08 -22.96 -4.48
N ASP D 170 11.87 -24.28 -4.60
CA ASP D 170 12.15 -25.24 -3.51
C ASP D 170 13.67 -25.36 -3.34
N GLY D 171 14.14 -25.64 -2.12
CA GLY D 171 15.58 -25.83 -1.85
C GLY D 171 16.31 -24.53 -1.61
N ALA D 172 17.61 -24.59 -1.28
CA ALA D 172 18.45 -23.39 -1.05
C ALA D 172 18.64 -22.61 -2.35
N MET D 173 18.69 -21.28 -2.27
CA MET D 173 18.96 -20.43 -3.46
C MET D 173 19.60 -19.11 -2.99
N PRO D 174 20.49 -18.47 -3.77
CA PRO D 174 21.01 -17.15 -3.39
C PRO D 174 19.79 -16.26 -3.31
N TRP D 177 18.73 -12.54 -6.17
CA TRP D 177 18.03 -12.60 -7.48
C TRP D 177 17.60 -14.03 -7.84
N VAL D 178 16.59 -14.17 -8.70
CA VAL D 178 16.05 -15.49 -9.12
C VAL D 178 15.67 -15.42 -10.60
N TRP D 179 16.03 -16.43 -11.39
CA TRP D 179 15.64 -16.53 -12.82
C TRP D 179 14.91 -17.84 -13.01
N ASN D 180 14.61 -18.54 -11.91
CA ASN D 180 13.84 -19.78 -11.98
C ASN D 180 12.44 -19.48 -12.48
N ASN D 181 12.13 -19.92 -13.70
CA ASN D 181 10.81 -19.78 -14.28
C ASN D 181 9.99 -21.01 -13.94
N VAL D 182 8.84 -20.80 -13.30
CA VAL D 182 7.99 -21.89 -12.85
C VAL D 182 6.54 -21.55 -13.16
N GLU D 183 5.76 -22.54 -13.55
CA GLU D 183 4.35 -22.34 -13.85
C GLU D 183 3.63 -21.88 -12.60
N LEU D 184 2.35 -21.52 -12.74
CA LEU D 184 1.46 -21.43 -11.59
C LEU D 184 0.92 -22.82 -11.35
N LYS D 185 1.44 -23.50 -10.32
CA LYS D 185 1.03 -24.89 -10.01
C LYS D 185 -0.44 -24.90 -9.57
N THR D 186 -1.20 -25.92 -9.96
CA THR D 186 -2.65 -26.04 -9.68
C THR D 186 -2.93 -26.15 -8.19
N ASN D 187 -2.11 -26.89 -7.41
CA ASN D 187 -2.43 -27.15 -5.98
C ASN D 187 -1.35 -26.66 -5.01
N THR D 188 -0.36 -25.83 -5.42
CA THR D 188 0.63 -25.27 -4.49
C THR D 188 0.08 -24.03 -3.83
N ALA D 189 0.05 -23.96 -2.49
CA ALA D 189 -0.39 -22.77 -1.77
C ALA D 189 0.55 -21.60 -2.04
N TYR D 190 -0.04 -20.43 -2.29
CA TYR D 190 0.70 -19.23 -2.61
C TYR D 190 0.55 -18.21 -1.49
N HIS D 191 1.63 -17.50 -1.20
CA HIS D 191 1.65 -16.47 -0.17
C HIS D 191 1.49 -15.11 -0.81
N MET D 192 0.80 -14.21 -0.12
CA MET D 192 0.55 -12.87 -0.63
C MET D 192 1.67 -11.93 -0.16
N ASP D 193 2.36 -11.34 -1.11
CA ASP D 193 3.41 -10.36 -0.85
C ASP D 193 3.09 -9.08 -1.62
N LYS D 194 4.05 -8.14 -1.61
CA LYS D 194 3.80 -6.85 -2.25
C LYS D 194 3.54 -6.99 -3.74
N GLY D 195 4.09 -8.03 -4.36
CA GLY D 195 3.94 -8.23 -5.79
C GLY D 195 2.70 -8.96 -6.24
N LEU D 196 1.79 -9.29 -5.32
CA LEU D 196 0.56 -10.00 -5.64
C LEU D 196 -0.69 -9.28 -5.17
N VAL D 197 -0.56 -8.07 -4.61
CA VAL D 197 -1.72 -7.38 -4.05
C VAL D 197 -2.69 -6.99 -5.15
N HIS D 198 -2.18 -6.63 -6.33
CA HIS D 198 -3.02 -6.22 -7.44
C HIS D 198 -3.48 -7.39 -8.31
N LEU D 199 -3.15 -8.62 -7.95
CA LEU D 199 -3.47 -9.80 -8.73
C LEU D 199 -4.57 -10.63 -8.09
N ILE D 200 -5.53 -9.95 -7.45
CA ILE D 200 -6.74 -10.59 -6.93
C ILE D 200 -7.96 -10.09 -7.70
N MET D 201 -8.25 -8.80 -7.63
CA MET D 201 -9.21 -8.12 -8.48
C MET D 201 -8.56 -6.85 -8.99
N PRO D 202 -8.92 -6.40 -10.20
CA PRO D 202 -8.33 -5.17 -10.72
C PRO D 202 -8.65 -3.99 -9.81
N LEU D 203 -7.62 -3.23 -9.45
CA LEU D 203 -7.81 -2.11 -8.56
C LEU D 203 -8.55 -0.98 -9.29
N PRO D 204 -9.22 -0.10 -8.56
CA PRO D 204 -9.90 1.02 -9.22
C PRO D 204 -8.90 1.92 -9.92
N GLU D 205 -9.36 2.55 -10.99
CA GLU D 205 -8.51 3.46 -11.76
C GLU D 205 -8.11 4.65 -10.90
N SER D 206 -6.90 5.16 -11.15
CA SER D 206 -6.34 6.31 -10.46
C SER D 206 -5.87 5.98 -9.04
N THR D 207 -5.67 4.71 -8.73
CA THR D 207 -5.15 4.30 -7.43
C THR D 207 -3.64 4.28 -7.49
N GLN D 208 -3.00 4.94 -6.53
CA GLN D 208 -1.55 5.09 -6.53
C GLN D 208 -0.92 4.04 -5.62
N MET D 209 -0.38 2.97 -6.19
CA MET D 209 0.31 1.94 -5.38
C MET D 209 1.80 2.22 -5.44
N CYS D 210 2.40 2.43 -4.31
CA CYS D 210 3.83 2.76 -4.29
C CYS D 210 4.66 1.49 -4.26
N TYR D 211 5.87 1.54 -4.83
CA TYR D 211 6.84 0.47 -4.77
C TYR D 211 8.27 1.01 -4.60
N GLU D 212 9.22 0.10 -4.58
CA GLU D 212 10.65 0.42 -4.54
C GLU D 212 11.33 -0.50 -5.55
N MET D 213 11.66 0.03 -6.72
CA MET D 213 12.10 -0.78 -7.85
C MET D 213 13.56 -0.51 -8.16
N LEU D 214 14.34 -1.57 -8.42
CA LEU D 214 15.76 -1.42 -8.83
C LEU D 214 15.79 -1.15 -10.34
N THR D 215 16.93 -0.76 -10.90
CA THR D 215 17.08 -0.52 -12.37
C THR D 215 18.09 -1.47 -12.99
N SER D 216 18.54 -2.51 -12.29
CA SER D 216 19.60 -3.43 -12.81
C SER D 216 19.46 -4.83 -12.22
N ILE D 217 20.41 -5.74 -12.47
CA ILE D 217 20.38 -7.10 -11.93
C ILE D 217 21.43 -7.26 -10.84
N GLN E 1 22.87 -2.61 -44.13
CA GLN E 1 22.70 -1.40 -44.92
C GLN E 1 21.76 -0.42 -44.20
N VAL E 2 22.17 0.02 -43.01
CA VAL E 2 21.39 0.96 -42.21
C VAL E 2 22.03 2.33 -42.32
N GLN E 3 21.27 3.32 -42.77
CA GLN E 3 21.75 4.68 -42.97
C GLN E 3 21.05 5.63 -42.01
N LEU E 4 21.47 6.90 -42.07
CA LEU E 4 20.83 7.97 -41.32
C LEU E 4 21.11 9.28 -42.05
N LYS E 5 20.32 10.30 -41.72
CA LYS E 5 20.48 11.60 -42.34
C LYS E 5 19.69 12.63 -41.55
N GLU E 6 20.31 13.77 -41.27
CA GLU E 6 19.66 14.87 -40.56
C GLU E 6 19.61 16.09 -41.46
N SER E 7 18.47 16.76 -41.46
CA SER E 7 18.30 18.01 -42.19
C SER E 7 18.48 19.00 -41.04
N GLY E 8 19.39 19.95 -41.21
CA GLY E 8 19.57 21.01 -40.25
C GLY E 8 19.41 22.38 -40.87
N PRO E 9 19.02 23.43 -40.07
CA PRO E 9 18.94 24.77 -40.62
C PRO E 9 20.27 25.15 -41.26
N GLY E 10 21.37 24.88 -40.54
CA GLY E 10 22.70 25.25 -41.05
C GLY E 10 23.07 26.65 -40.62
N LEU E 11 22.12 27.76 -40.02
CA LEU E 11 22.36 29.15 -39.54
C LEU E 11 21.20 29.59 -38.65
N VAL E 12 21.50 30.16 -37.48
CA VAL E 12 20.43 30.64 -36.55
C VAL E 12 20.95 31.84 -35.74
N ALA E 13 20.04 32.66 -35.20
CA ALA E 13 20.42 33.79 -34.38
C ALA E 13 20.14 33.45 -32.92
N PRO E 14 20.80 34.13 -31.99
CA PRO E 14 20.60 33.81 -30.57
C PRO E 14 19.15 34.03 -30.16
N SER E 15 18.71 33.25 -29.17
CA SER E 15 17.35 33.28 -28.64
C SER E 15 16.34 32.70 -29.61
N GLN E 16 16.80 32.15 -30.73
CA GLN E 16 15.94 31.57 -31.73
C GLN E 16 15.68 30.10 -31.39
N SER E 17 15.13 29.36 -32.36
CA SER E 17 14.84 27.95 -32.20
C SER E 17 15.61 27.14 -33.23
N LEU E 18 16.14 26.00 -32.81
CA LEU E 18 16.88 25.10 -33.68
C LEU E 18 15.99 23.91 -34.03
N SER E 19 15.74 23.73 -35.32
CA SER E 19 14.88 22.66 -35.82
C SER E 19 15.72 21.76 -36.73
N ILE E 20 16.09 20.59 -36.23
CA ILE E 20 16.88 19.62 -36.96
C ILE E 20 16.13 18.30 -36.98
N SER E 21 15.94 17.75 -38.19
CA SER E 21 15.19 16.51 -38.38
C SER E 21 16.17 15.42 -38.81
N CYS E 22 16.34 14.40 -37.96
CA CYS E 22 17.24 13.30 -38.24
C CYS E 22 16.41 12.13 -38.75
N THR E 23 16.45 11.91 -40.06
CA THR E 23 15.72 10.81 -40.67
C THR E 23 16.49 9.51 -40.53
N VAL E 24 15.77 8.40 -40.63
CA VAL E 24 16.36 7.07 -40.52
C VAL E 24 16.11 6.29 -41.80
N SER E 25 16.62 5.06 -41.86
CA SER E 25 16.39 4.19 -43.00
C SER E 25 17.07 2.86 -42.73
N GLY E 26 16.52 1.80 -43.33
CA GLY E 26 17.10 0.48 -43.21
C GLY E 26 16.76 -0.26 -41.93
N PHE E 27 15.96 0.33 -41.04
CA PHE E 27 15.54 -0.33 -39.81
C PHE E 27 14.27 0.36 -39.32
N SER E 28 13.90 0.08 -38.07
CA SER E 28 12.69 0.62 -37.48
C SER E 28 13.01 1.34 -36.18
N LEU E 29 12.18 2.32 -35.83
CA LEU E 29 12.33 3.08 -34.60
C LEU E 29 11.64 2.43 -33.41
N THR E 30 11.07 1.24 -33.60
CA THR E 30 10.40 0.52 -32.53
C THR E 30 11.34 -0.39 -31.75
N THR E 31 12.62 -0.43 -32.12
CA THR E 31 13.58 -1.30 -31.46
C THR E 31 14.79 -0.56 -30.90
N PHE E 32 15.31 0.43 -31.62
CA PHE E 32 16.51 1.14 -31.23
C PHE E 32 16.18 2.58 -30.87
N GLY E 33 16.81 3.08 -29.81
CA GLY E 33 16.66 4.46 -29.43
C GLY E 33 17.64 5.36 -30.17
N ILE E 34 17.22 6.58 -30.43
CA ILE E 34 18.01 7.56 -31.18
C ILE E 34 18.63 8.52 -30.18
N HIS E 35 19.96 8.58 -30.18
CA HIS E 35 20.70 9.49 -29.31
C HIS E 35 20.98 10.80 -30.03
N TRP E 36 20.96 11.89 -29.26
CA TRP E 36 21.26 13.22 -29.77
C TRP E 36 22.55 13.69 -29.14
N ILE E 37 23.59 13.85 -29.95
CA ILE E 37 24.92 14.22 -29.50
C ILE E 37 25.37 15.44 -30.29
N ARG E 38 26.26 16.22 -29.68
CA ARG E 38 26.81 17.41 -30.31
C ARG E 38 28.33 17.38 -30.22
N GLN E 39 28.98 18.01 -31.19
CA GLN E 39 30.44 18.09 -31.27
C GLN E 39 30.86 19.53 -31.48
N PRO E 40 30.84 20.35 -30.42
CA PRO E 40 31.27 21.73 -30.57
C PRO E 40 32.70 21.81 -31.07
N PRO E 41 33.01 22.81 -31.90
CA PRO E 41 34.34 22.97 -32.49
C PRO E 41 35.47 22.97 -31.46
N GLY E 44 35.54 17.37 -27.59
CA GLY E 44 34.80 16.17 -27.24
C GLY E 44 33.36 16.22 -27.69
N LEU E 45 32.58 15.24 -27.23
CA LEU E 45 31.19 15.04 -27.71
C LEU E 45 30.22 15.15 -26.53
N GLU E 46 29.15 15.94 -26.68
CA GLU E 46 28.22 16.26 -25.57
C GLU E 46 26.92 15.46 -25.74
N TRP E 47 26.57 14.64 -24.75
CA TRP E 47 25.26 13.94 -24.75
C TRP E 47 24.15 14.96 -24.58
N LEU E 48 23.49 15.33 -25.69
CA LEU E 48 22.40 16.28 -25.69
C LEU E 48 21.12 15.65 -25.15
N GLY E 49 20.64 14.61 -25.81
CA GLY E 49 19.43 13.93 -25.37
C GLY E 49 19.20 12.69 -26.20
N VAL E 50 18.25 11.87 -25.73
CA VAL E 50 17.91 10.63 -26.40
C VAL E 50 16.45 10.32 -26.16
N ILE E 51 15.81 9.75 -27.17
CA ILE E 51 14.45 9.21 -27.06
C ILE E 51 14.81 7.74 -27.23
N TRP E 52 14.02 6.87 -26.61
CA TRP E 52 14.33 5.46 -26.62
C TRP E 52 13.25 4.96 -27.58
N ALA E 53 13.35 3.68 -27.93
CA ALA E 53 12.37 3.10 -28.84
C ALA E 53 10.98 3.11 -28.23
N ALA E 54 10.88 2.93 -26.91
CA ALA E 54 9.58 2.90 -26.27
C ALA E 54 8.91 4.25 -26.06
N GLY E 55 9.46 5.31 -26.64
CA GLY E 55 8.91 6.64 -26.47
C GLY E 55 9.16 7.58 -25.31
N THR E 56 10.00 7.16 -24.37
CA THR E 56 10.37 8.03 -23.26
C THR E 56 11.66 8.64 -23.78
N THR E 57 12.17 9.61 -23.03
CA THR E 57 13.35 10.34 -23.46
C THR E 57 14.17 10.74 -22.23
N ASN E 58 15.35 11.28 -22.50
CA ASN E 58 16.23 11.76 -21.44
C ASN E 58 17.10 12.88 -22.01
N TYR E 59 17.17 13.98 -21.24
CA TYR E 59 17.93 15.18 -21.66
C TYR E 59 19.04 15.42 -20.66
N ASN E 60 20.18 15.96 -21.15
CA ASN E 60 21.26 16.48 -20.27
C ASN E 60 20.64 17.29 -19.14
N SER E 61 21.04 17.05 -17.89
CA SER E 61 20.40 17.78 -16.76
C SER E 61 20.47 19.29 -17.02
N THR E 62 21.67 19.81 -17.26
CA THR E 62 21.88 21.23 -17.51
C THR E 62 21.13 21.72 -18.74
N LEU E 63 20.56 20.83 -19.54
CA LEU E 63 19.92 21.20 -20.81
C LEU E 63 18.50 20.67 -20.91
N LYS E 64 17.85 20.39 -19.78
CA LYS E 64 16.49 19.87 -19.80
C LYS E 64 15.45 20.93 -20.13
N SER E 65 15.76 22.21 -19.90
CA SER E 65 14.79 23.27 -20.16
C SER E 65 14.65 23.57 -21.64
N ARG E 66 15.75 23.51 -22.39
CA ARG E 66 15.75 23.94 -23.78
C ARG E 66 15.58 22.80 -24.77
N LEU E 67 15.98 21.58 -24.42
CA LEU E 67 16.00 20.46 -25.36
C LEU E 67 14.64 19.75 -25.35
N THR E 68 14.11 19.51 -26.54
CA THR E 68 12.90 18.71 -26.70
C THR E 68 13.11 17.75 -27.86
N ILE E 69 12.83 16.47 -27.63
CA ILE E 69 13.04 15.42 -28.61
C ILE E 69 11.70 14.81 -28.96
N THR E 70 11.40 14.73 -30.26
CA THR E 70 10.18 14.13 -30.76
C THR E 70 10.51 13.26 -31.96
N LYS E 71 9.88 12.09 -32.05
CA LYS E 71 10.12 11.15 -33.13
C LYS E 71 8.78 10.71 -33.73
N ASP E 72 8.80 10.42 -35.03
CA ASP E 72 7.64 9.96 -35.77
C ASP E 72 7.90 8.52 -36.19
N ASN E 73 7.25 7.56 -35.53
CA ASN E 73 7.56 6.12 -35.78
C ASN E 73 7.36 5.74 -37.25
N SER E 74 6.12 5.79 -37.74
CA SER E 74 5.83 5.32 -39.13
C SER E 74 6.60 6.16 -40.14
N ARG E 75 6.67 7.48 -39.93
CA ARG E 75 7.36 8.39 -40.89
C ARG E 75 8.88 8.25 -40.74
N SER E 76 9.34 7.47 -39.75
CA SER E 76 10.81 7.23 -39.58
C SER E 76 11.58 8.54 -39.43
N GLN E 77 11.05 9.51 -38.67
CA GLN E 77 11.70 10.84 -38.55
C GLN E 77 11.96 11.20 -37.08
N VAL E 78 13.00 12.00 -36.81
CA VAL E 78 13.30 12.46 -35.46
C VAL E 78 13.61 13.95 -35.54
N PHE E 79 13.06 14.72 -34.59
CA PHE E 79 13.18 16.17 -34.58
C PHE E 79 13.82 16.64 -33.28
N LEU E 80 14.66 17.66 -33.38
CA LEU E 80 15.28 18.29 -32.22
C LEU E 80 15.02 19.78 -32.27
N LYS E 81 14.48 20.33 -31.19
N LYS E 81 14.41 20.38 -31.24
CA LYS E 81 14.13 21.75 -31.12
CA LYS E 81 14.05 21.79 -31.17
C LYS E 81 14.78 22.37 -29.90
C LYS E 81 14.71 22.42 -29.95
N MET E 82 15.54 23.45 -30.13
CA MET E 82 16.32 24.10 -29.08
C MET E 82 15.75 25.48 -28.81
N ASN E 83 15.41 25.74 -27.55
CA ASN E 83 14.95 27.05 -27.11
C ASN E 83 16.08 27.78 -26.39
N SER E 84 15.94 29.09 -26.32
CA SER E 84 16.95 29.93 -25.67
C SER E 84 18.34 29.65 -26.23
N LEU E 85 18.41 29.45 -27.54
CA LEU E 85 19.68 29.16 -28.19
C LEU E 85 20.68 30.28 -27.91
N GLN E 86 21.90 29.89 -27.54
CA GLN E 86 22.95 30.83 -27.19
C GLN E 86 24.00 30.86 -28.28
N THR E 87 25.03 31.69 -28.07
CA THR E 87 26.10 31.82 -29.05
C THR E 87 27.05 30.63 -29.05
N TYR E 88 27.17 29.93 -27.92
CA TYR E 88 28.11 28.83 -27.78
C TYR E 88 27.56 27.50 -28.27
N ASP E 89 26.33 27.47 -28.78
CA ASP E 89 25.70 26.24 -29.24
C ASP E 89 26.02 25.92 -30.70
N THR E 90 27.13 26.44 -31.22
CA THR E 90 27.52 26.16 -32.60
C THR E 90 28.31 24.85 -32.64
N ALA E 91 27.84 23.90 -33.46
CA ALA E 91 28.52 22.62 -33.60
C ALA E 91 27.82 21.74 -34.63
N ILE E 92 28.33 20.53 -34.84
CA ILE E 92 27.70 19.54 -35.70
C ILE E 92 26.98 18.54 -34.81
N TYR E 93 25.67 18.43 -34.99
CA TYR E 93 24.84 17.62 -34.11
C TYR E 93 24.65 16.22 -34.70
N TYR E 94 24.89 15.20 -33.89
CA TYR E 94 24.86 13.82 -34.33
C TYR E 94 23.70 13.07 -33.68
N CYS E 95 23.05 12.21 -34.46
CA CYS E 95 22.01 11.32 -33.97
C CYS E 95 22.48 9.88 -34.19
N VAL E 96 22.71 9.15 -33.10
CA VAL E 96 23.25 7.81 -33.16
C VAL E 96 22.17 6.83 -32.73
N ARG E 97 22.05 5.73 -33.47
CA ARG E 97 21.11 4.67 -33.11
C ARG E 97 21.77 3.77 -32.06
N GLU E 98 21.12 3.63 -30.92
CA GLU E 98 21.61 2.79 -29.83
C GLU E 98 20.73 1.56 -29.72
N ASP E 99 21.36 0.39 -29.65
CA ASP E 99 20.60 -0.86 -29.63
C ASP E 99 19.99 -1.12 -28.27
N TYR E 100 20.81 -1.05 -27.21
CA TYR E 100 20.38 -1.37 -25.85
C TYR E 100 19.58 -2.68 -25.79
N ASP E 101 19.80 -3.54 -26.78
CA ASP E 101 19.21 -4.88 -26.81
C ASP E 101 20.27 -5.97 -26.82
N TYR E 102 21.26 -5.86 -27.71
CA TYR E 102 22.34 -6.84 -27.82
C TYR E 102 23.73 -6.23 -27.89
N PHE E 103 23.85 -4.91 -28.06
CA PHE E 103 25.13 -4.25 -28.25
C PHE E 103 25.48 -3.25 -27.15
N PHE E 104 24.48 -2.56 -26.59
CA PHE E 104 24.69 -1.57 -25.54
C PHE E 104 25.70 -0.50 -25.97
N GLY E 105 25.52 0.03 -27.17
CA GLY E 105 26.46 1.01 -27.65
C GLY E 105 25.95 1.74 -28.86
N LEU E 106 26.85 2.49 -29.49
CA LEU E 106 26.55 3.26 -30.69
C LEU E 106 27.22 2.60 -31.88
N ASP E 107 26.47 2.39 -32.96
CA ASP E 107 26.99 1.71 -34.13
C ASP E 107 26.99 2.61 -35.37
N TYR E 108 25.85 3.21 -35.72
CA TYR E 108 25.74 4.02 -36.93
C TYR E 108 25.43 5.47 -36.54
N TRP E 109 26.14 6.38 -37.20
CA TRP E 109 25.98 7.82 -36.89
C TRP E 109 25.55 8.56 -38.15
N GLY E 110 24.71 9.57 -38.01
CA GLY E 110 24.33 10.39 -39.16
C GLY E 110 25.48 11.29 -39.56
N GLN E 111 25.48 11.81 -40.80
CA GLN E 111 26.62 12.63 -41.27
C GLN E 111 26.79 13.85 -40.38
N GLY E 112 25.67 14.45 -39.94
CA GLY E 112 25.72 15.65 -39.07
C GLY E 112 25.42 16.91 -39.85
N THR E 113 24.96 17.96 -39.16
CA THR E 113 24.59 19.22 -39.83
C THR E 113 25.16 20.37 -39.03
N SER E 114 25.99 21.20 -39.67
CA SER E 114 26.60 22.33 -38.96
C SER E 114 25.53 23.35 -38.63
N VAL E 115 25.18 23.46 -37.35
CA VAL E 115 24.18 24.42 -36.88
C VAL E 115 25.19 25.47 -36.42
N THR E 116 25.15 26.63 -37.07
CA THR E 116 26.08 27.70 -36.78
C THR E 116 25.18 28.77 -36.17
N VAL E 117 25.68 29.44 -35.15
CA VAL E 117 24.91 30.46 -34.45
C VAL E 117 25.60 31.82 -34.55
N GLN F 1 27.48 10.12 -12.36
CA GLN F 1 27.60 11.33 -13.17
C GLN F 1 28.96 11.99 -12.95
N ALA F 2 30.01 11.37 -13.47
CA ALA F 2 31.38 11.81 -13.28
C ALA F 2 32.01 12.15 -14.63
N VAL F 3 33.32 12.36 -14.62
CA VAL F 3 34.07 12.66 -15.82
C VAL F 3 34.74 11.38 -16.32
N VAL F 4 35.25 11.42 -17.55
CA VAL F 4 35.99 10.31 -18.13
C VAL F 4 37.21 10.87 -18.83
N THR F 5 38.36 10.22 -18.64
CA THR F 5 39.62 10.64 -19.24
C THR F 5 40.18 9.53 -20.12
N GLN F 6 40.77 9.92 -21.24
CA GLN F 6 41.33 8.96 -22.19
C GLN F 6 42.64 9.52 -22.74
N GLU F 7 43.48 8.61 -23.21
CA GLU F 7 44.81 9.01 -23.67
C GLU F 7 44.71 10.04 -24.78
N SER F 8 45.56 11.07 -24.70
CA SER F 8 45.54 12.14 -25.69
C SER F 8 45.88 11.62 -27.07
N ALA F 9 46.90 10.77 -27.18
CA ALA F 9 47.31 10.26 -28.48
C ALA F 9 48.20 9.03 -28.26
N LEU F 10 48.38 8.27 -29.34
CA LEU F 10 49.24 7.09 -29.32
C LEU F 10 49.85 6.91 -30.70
N THR F 11 50.95 6.16 -30.75
CA THR F 11 51.67 5.92 -31.99
C THR F 11 51.99 4.44 -32.10
N THR F 12 52.02 3.95 -33.34
CA THR F 12 52.35 2.55 -33.61
C THR F 12 52.72 2.40 -35.07
N SER F 13 53.34 1.26 -35.38
CA SER F 13 53.76 0.97 -36.75
C SER F 13 52.97 -0.20 -37.33
N THR F 17 50.57 -4.66 -31.80
CA THR F 17 49.35 -4.56 -31.01
C THR F 17 49.35 -3.29 -30.18
N VAL F 18 48.21 -2.59 -30.16
CA VAL F 18 48.05 -1.35 -29.41
C VAL F 18 46.77 -1.44 -28.59
N THR F 19 46.75 -0.77 -27.45
CA THR F 19 45.59 -0.73 -26.58
C THR F 19 45.30 0.71 -26.17
N LEU F 20 44.01 1.02 -26.03
CA LEU F 20 43.57 2.34 -25.58
C LEU F 20 42.81 2.17 -24.27
N THR F 21 43.12 3.02 -23.28
CA THR F 21 42.49 2.84 -21.96
C THR F 21 41.53 3.97 -21.68
N CYS F 22 40.33 3.66 -21.16
CA CYS F 22 39.32 4.69 -20.83
C CYS F 22 39.10 4.66 -19.32
N ARG F 23 39.74 5.57 -18.58
CA ARG F 23 39.56 5.63 -17.10
C ARG F 23 38.42 6.61 -16.78
N SER F 24 37.89 6.53 -15.55
CA SER F 24 36.79 7.44 -15.14
C SER F 24 37.13 8.03 -13.77
N SER F 25 36.59 9.22 -13.46
CA SER F 25 36.94 9.88 -12.17
C SER F 25 36.47 8.99 -11.01
N THR F 26 35.29 8.39 -11.13
CA THR F 26 34.82 7.46 -10.09
C THR F 26 35.77 6.28 -10.01
N GLY F 27 36.22 5.78 -11.17
CA GLY F 27 37.19 4.67 -11.22
C GLY F 27 36.52 3.33 -10.96
N ALA F 28 35.19 3.30 -10.91
CA ALA F 28 34.47 2.05 -10.59
C ALA F 28 34.73 1.01 -11.68
N VAL F 29 34.91 1.45 -12.94
CA VAL F 29 35.21 0.55 -14.09
C VAL F 29 34.23 -0.63 -14.08
N THR F 30 32.97 -0.37 -13.70
CA THR F 30 31.96 -1.45 -13.61
C THR F 30 31.55 -1.90 -15.00
N THR F 31 30.99 -3.11 -15.11
CA THR F 31 30.47 -3.61 -16.40
C THR F 31 29.32 -2.73 -16.81
N SER F 32 28.71 -2.02 -15.85
CA SER F 32 27.55 -1.13 -16.12
C SER F 32 27.96 -0.07 -17.15
N ASN F 33 29.21 0.37 -17.07
CA ASN F 33 29.73 1.39 -18.02
C ASN F 33 29.44 0.94 -19.46
N TYR F 34 29.40 -0.37 -19.72
CA TYR F 34 29.01 -0.80 -21.09
C TYR F 34 29.91 -0.05 -22.05
N ALA F 35 31.21 -0.04 -21.81
CA ALA F 35 32.10 0.81 -22.64
C ALA F 35 31.94 0.48 -24.11
N SER F 36 31.81 1.51 -24.95
CA SER F 36 31.65 1.33 -26.41
C SER F 36 32.66 2.23 -27.12
N TRP F 37 33.56 1.66 -27.92
CA TRP F 37 34.64 2.46 -28.55
C TRP F 37 34.27 2.81 -29.99
N VAL F 38 33.52 3.91 -30.18
CA VAL F 38 33.12 4.34 -31.52
C VAL F 38 34.26 5.14 -32.12
N GLN F 39 34.66 4.79 -33.34
CA GLN F 39 35.82 5.40 -33.96
C GLN F 39 35.41 6.59 -34.83
N GLU F 40 36.39 7.24 -35.43
CA GLU F 40 36.19 8.40 -36.27
C GLU F 40 37.05 8.29 -37.52
N LYS F 41 36.62 8.95 -38.58
CA LYS F 41 37.35 9.00 -39.83
C LYS F 41 37.20 10.38 -40.43
N PRO F 42 38.14 10.78 -41.31
CA PRO F 42 38.13 12.11 -41.95
C PRO F 42 36.81 12.41 -42.65
N HIS F 44 34.17 13.06 -40.97
CA HIS F 44 33.66 13.03 -39.60
C HIS F 44 32.70 11.87 -39.41
N LEU F 45 33.10 10.69 -39.87
CA LEU F 45 32.29 9.49 -39.81
C LEU F 45 32.58 8.74 -38.50
N PHE F 46 31.58 8.66 -37.64
CA PHE F 46 31.68 7.89 -36.40
C PHE F 46 30.99 6.56 -36.60
N ILE F 47 31.66 5.48 -36.19
CA ILE F 47 31.16 4.12 -36.38
C ILE F 47 31.18 3.39 -35.06
N GLY F 48 30.34 2.35 -34.97
CA GLY F 48 30.31 1.50 -33.79
C GLY F 48 31.29 0.36 -33.94
N LEU F 49 32.19 0.23 -32.95
CA LEU F 49 33.22 -0.78 -32.96
C LEU F 49 33.02 -1.86 -31.90
N ILE F 50 32.74 -1.47 -30.67
CA ILE F 50 32.54 -2.40 -29.57
C ILE F 50 31.34 -1.97 -28.76
N GLY F 51 30.75 -2.91 -28.03
CA GLY F 51 29.63 -2.61 -27.16
C GLY F 51 29.60 -3.53 -25.97
N GLY F 52 29.43 -2.96 -24.77
CA GLY F 52 29.47 -3.75 -23.56
C GLY F 52 30.86 -4.16 -23.10
N THR F 53 31.90 -3.70 -23.79
CA THR F 53 33.31 -3.95 -23.51
C THR F 53 33.80 -5.28 -24.07
N ASN F 54 32.92 -6.16 -24.55
CA ASN F 54 33.35 -7.43 -25.11
C ASN F 54 32.70 -7.80 -26.42
N ASN F 55 31.62 -7.14 -26.83
CA ASN F 55 30.90 -7.49 -28.04
C ASN F 55 31.54 -6.80 -29.25
N ARG F 56 30.88 -6.89 -30.40
CA ARG F 56 31.37 -6.26 -31.61
C ARG F 56 30.18 -5.96 -32.51
N ALA F 57 30.31 -4.89 -33.29
CA ALA F 57 29.28 -4.55 -34.26
C ALA F 57 29.39 -5.43 -35.50
N PRO F 58 28.31 -5.58 -36.26
CA PRO F 58 28.37 -6.38 -37.48
C PRO F 58 29.41 -5.83 -38.45
N GLY F 59 30.18 -6.72 -39.04
CA GLY F 59 31.17 -6.37 -40.04
C GLY F 59 32.50 -5.90 -39.49
N VAL F 60 32.60 -5.59 -38.21
CA VAL F 60 33.87 -5.14 -37.65
C VAL F 60 34.86 -6.30 -37.66
N PRO F 61 36.13 -6.08 -38.05
CA PRO F 61 37.11 -7.16 -38.13
C PRO F 61 37.45 -7.72 -36.75
N ARG F 63 40.12 -8.31 -35.58
CA ARG F 63 41.30 -7.72 -34.93
C ARG F 63 40.90 -6.96 -33.67
N PHE F 64 39.78 -6.25 -33.73
CA PHE F 64 39.33 -5.49 -32.58
C PHE F 64 38.80 -6.42 -31.50
N SER F 65 39.07 -6.06 -30.25
CA SER F 65 38.62 -6.86 -29.10
C SER F 65 38.71 -6.03 -27.84
N GLY F 66 37.61 -5.93 -27.11
CA GLY F 66 37.59 -5.19 -25.88
C GLY F 66 37.93 -6.04 -24.68
N SER F 67 38.39 -5.37 -23.62
CA SER F 67 38.75 -6.06 -22.38
C SER F 67 38.69 -5.07 -21.24
N LEU F 68 38.65 -5.59 -20.03
CA LEU F 68 38.63 -4.80 -18.80
C LEU F 68 39.98 -5.01 -18.10
N ILE F 69 40.96 -4.21 -18.50
CA ILE F 69 42.32 -4.32 -17.96
C ILE F 69 42.43 -3.44 -16.72
N GLY F 70 42.90 -4.03 -15.62
CA GLY F 70 43.04 -3.25 -14.40
C GLY F 70 41.72 -2.62 -14.00
N ASP F 71 41.78 -1.33 -13.66
CA ASP F 71 40.56 -0.58 -13.25
C ASP F 71 40.18 0.41 -14.35
N LYS F 72 40.72 0.24 -15.56
CA LYS F 72 40.45 1.20 -16.65
C LYS F 72 40.11 0.46 -17.94
N ALA F 73 38.86 0.58 -18.41
CA ALA F 73 38.44 -0.13 -19.61
C ALA F 73 39.41 0.16 -20.75
N ALA F 74 39.72 -0.86 -21.54
CA ALA F 74 40.74 -0.75 -22.57
C ALA F 74 40.26 -1.41 -23.85
N LEU F 75 40.90 -1.04 -24.95
CA LEU F 75 40.64 -1.59 -26.27
C LEU F 75 41.90 -2.28 -26.80
N THR F 76 41.73 -3.06 -27.85
CA THR F 76 42.83 -3.81 -28.44
C THR F 76 42.73 -3.78 -29.95
N ILE F 77 43.86 -3.53 -30.61
CA ILE F 77 43.96 -3.54 -32.08
C ILE F 77 45.12 -4.47 -32.42
N THR F 78 44.82 -5.74 -32.65
CA THR F 78 45.85 -6.72 -32.94
C THR F 78 46.40 -6.53 -34.35
N THR F 82 47.76 0.05 -41.23
CA THR F 82 47.90 1.43 -41.70
C THR F 82 46.54 2.03 -42.04
N ASP F 83 45.54 1.15 -42.20
CA ASP F 83 44.19 1.58 -42.52
C ASP F 83 43.34 1.86 -41.29
N ASP F 84 43.91 1.74 -40.10
CA ASP F 84 43.17 1.93 -38.85
C ASP F 84 43.38 3.30 -38.23
N GLU F 85 44.05 4.22 -38.93
CA GLU F 85 44.24 5.56 -38.41
C GLU F 85 42.90 6.21 -38.12
N ALA F 86 42.60 6.42 -36.84
CA ALA F 86 41.31 6.99 -36.46
C ALA F 86 41.44 7.61 -35.07
N ILE F 87 40.53 8.52 -34.76
CA ILE F 87 40.44 9.13 -33.45
C ILE F 87 39.40 8.33 -32.69
N TYR F 88 39.85 7.26 -32.04
CA TYR F 88 38.94 6.36 -31.35
C TYR F 88 38.38 7.03 -30.09
N PHE F 89 37.07 6.92 -29.92
CA PHE F 89 36.38 7.49 -28.76
C PHE F 89 35.90 6.37 -27.84
N CYS F 90 35.90 6.65 -26.54
CA CYS F 90 35.42 5.73 -25.54
C CYS F 90 34.21 6.34 -24.84
N ALA F 91 33.12 5.59 -24.77
CA ALA F 91 31.90 6.03 -24.12
C ALA F 91 31.56 5.06 -23.01
N LEU F 92 31.15 5.59 -21.86
CA LEU F 92 30.84 4.77 -20.69
C LEU F 92 29.50 5.21 -20.11
N TRP F 93 28.50 4.35 -20.21
CA TRP F 93 27.21 4.62 -19.60
C TRP F 93 27.40 4.90 -18.12
N PHE F 94 26.81 6.01 -17.66
CA PHE F 94 27.01 6.44 -16.24
C PHE F 94 25.65 5.75 -16.05
N SER F 95 24.96 5.99 -14.94
CA SER F 95 23.58 5.48 -14.75
C SER F 95 22.55 5.86 -15.83
N ASN F 96 22.36 7.15 -16.12
CA ASN F 96 21.45 7.55 -17.24
C ASN F 96 21.91 8.00 -18.63
N HIS F 97 23.21 8.12 -18.83
CA HIS F 97 23.74 8.61 -20.13
C HIS F 97 25.19 8.25 -20.48
N TRP F 98 25.65 8.70 -21.66
CA TRP F 98 27.02 8.46 -22.10
C TRP F 98 27.89 9.66 -21.80
N VAL F 99 29.16 9.35 -21.52
CA VAL F 99 30.21 10.37 -21.21
C VAL F 99 31.42 10.05 -22.07
N PHE F 100 31.55 10.70 -23.23
CA PHE F 100 32.67 10.39 -24.11
C PHE F 100 33.98 10.92 -23.55
N GLY F 101 35.07 10.24 -23.88
CA GLY F 101 36.40 10.76 -23.49
C GLY F 101 36.92 11.67 -24.58
N GLY F 102 38.16 12.17 -24.42
CA GLY F 102 38.77 13.05 -25.43
C GLY F 102 38.95 12.33 -26.75
N GLY F 103 39.33 11.06 -26.70
CA GLY F 103 39.60 10.28 -27.93
C GLY F 103 41.08 10.21 -28.20
N THR F 104 41.52 9.22 -28.99
CA THR F 104 42.97 9.03 -29.22
C THR F 104 43.25 9.17 -30.70
N LYS F 105 44.08 10.16 -31.06
CA LYS F 105 44.41 10.36 -32.48
C LYS F 105 45.58 9.45 -32.85
N LEU F 106 45.31 8.16 -32.83
CA LEU F 106 46.31 7.14 -33.15
C LEU F 106 46.93 7.41 -34.51
N GLN G 1 -8.79 16.05 43.62
CA GLN G 1 -9.03 17.06 42.60
C GLN G 1 -7.83 17.20 41.67
N VAL G 2 -8.07 17.71 40.46
CA VAL G 2 -6.99 17.87 39.50
C VAL G 2 -5.97 18.87 40.02
N GLN G 3 -4.70 18.51 39.95
CA GLN G 3 -3.62 19.37 40.41
C GLN G 3 -2.43 19.23 39.48
N LEU G 4 -1.61 20.27 39.44
CA LEU G 4 -0.38 20.27 38.67
C LEU G 4 0.67 21.03 39.46
N LYS G 5 1.83 20.41 39.65
CA LYS G 5 2.93 21.04 40.38
C LYS G 5 4.21 20.90 39.59
N GLU G 6 5.09 21.90 39.76
CA GLU G 6 6.30 22.01 38.98
C GLU G 6 7.49 22.19 39.91
N SER G 7 8.59 21.50 39.62
CA SER G 7 9.82 21.62 40.37
C SER G 7 10.96 21.91 39.41
N GLY G 8 11.69 22.99 39.68
CA GLY G 8 12.78 23.39 38.83
C GLY G 8 14.00 23.82 39.61
N PRO G 9 15.16 23.86 38.95
CA PRO G 9 16.39 24.20 39.67
C PRO G 9 16.35 25.56 40.36
N GLY G 10 15.73 26.55 39.72
CA GLY G 10 15.66 27.89 40.27
C GLY G 10 16.80 28.80 39.89
N LEU G 11 17.92 28.25 39.42
CA LEU G 11 19.03 29.05 38.95
C LEU G 11 20.02 28.18 38.18
N VAL G 12 20.32 28.55 36.94
CA VAL G 12 21.22 27.77 36.10
C VAL G 12 22.13 28.74 35.33
N ALA G 13 23.41 28.39 35.26
CA ALA G 13 24.37 29.20 34.52
C ALA G 13 24.18 29.01 33.02
N PRO G 14 24.69 29.95 32.22
CA PRO G 14 24.54 29.82 30.77
C PRO G 14 25.16 28.53 30.26
N SER G 15 24.53 27.95 29.24
CA SER G 15 24.97 26.71 28.59
C SER G 15 24.82 25.50 29.49
N GLN G 16 24.08 25.61 30.58
CA GLN G 16 23.84 24.50 31.49
C GLN G 16 22.41 24.00 31.31
N SER G 17 22.26 22.68 31.19
CA SER G 17 20.97 22.10 30.87
C SER G 17 19.94 22.43 31.93
N LEU G 18 18.69 22.60 31.49
CA LEU G 18 17.55 22.89 32.35
C LEU G 18 16.71 21.63 32.45
N SER G 19 16.43 21.19 33.68
CA SER G 19 15.65 19.99 33.93
C SER G 19 14.50 20.32 34.87
N ILE G 20 13.27 20.19 34.38
CA ILE G 20 12.08 20.44 35.19
C ILE G 20 11.09 19.30 34.97
N SER G 21 10.52 18.80 36.07
CA SER G 21 9.59 17.67 36.03
C SER G 21 8.28 18.08 36.70
N CYS G 22 7.26 18.33 35.88
CA CYS G 22 5.93 18.73 36.34
C CYS G 22 5.11 17.49 36.64
N THR G 23 5.07 17.11 37.91
CA THR G 23 4.46 15.83 38.29
C THR G 23 2.96 16.05 38.50
N VAL G 24 2.19 15.82 37.43
CA VAL G 24 0.75 16.00 37.49
C VAL G 24 0.15 15.04 38.51
N SER G 25 -1.02 15.40 39.03
CA SER G 25 -1.77 14.55 39.92
C SER G 25 -3.25 14.78 39.70
N GLY G 26 -4.05 13.74 39.96
CA GLY G 26 -5.49 13.83 39.82
C GLY G 26 -6.03 13.53 38.44
N PHE G 27 -5.17 13.46 37.42
CA PHE G 27 -5.60 13.12 36.07
C PHE G 27 -4.57 12.22 35.43
N SER G 28 -5.04 11.21 34.71
CA SER G 28 -4.14 10.26 34.05
C SER G 28 -3.32 10.97 32.99
N LEU G 29 -2.07 10.53 32.82
CA LEU G 29 -1.17 11.13 31.84
C LEU G 29 -1.34 10.54 30.44
N THR G 30 -2.23 9.58 30.26
CA THR G 30 -2.43 8.93 28.97
C THR G 30 -3.73 9.34 28.28
N THR G 31 -4.40 10.37 28.78
CA THR G 31 -5.61 10.84 28.11
C THR G 31 -5.48 12.33 27.77
N PHE G 32 -4.81 13.09 28.63
CA PHE G 32 -4.69 14.53 28.43
C PHE G 32 -3.23 14.90 28.18
N GLY G 33 -2.99 15.63 27.10
CA GLY G 33 -1.65 16.08 26.81
C GLY G 33 -1.16 17.11 27.80
N ILE G 34 0.16 17.24 27.88
CA ILE G 34 0.82 18.18 28.78
C ILE G 34 1.65 19.15 27.95
N HIS G 35 1.29 20.43 27.98
CA HIS G 35 2.02 21.46 27.29
C HIS G 35 3.03 22.11 28.22
N TRP G 36 4.00 22.81 27.64
CA TRP G 36 4.98 23.59 28.40
C TRP G 36 4.89 25.04 27.95
N ILE G 37 4.38 25.89 28.84
CA ILE G 37 4.20 27.31 28.56
C ILE G 37 5.13 28.10 29.47
N ARG G 38 5.96 28.95 28.88
CA ARG G 38 6.92 29.78 29.60
C ARG G 38 6.49 31.24 29.52
N GLN G 39 6.36 31.89 30.67
CA GLN G 39 5.96 33.29 30.71
C GLN G 39 7.15 34.16 31.05
N PRO G 40 7.81 34.76 30.06
CA PRO G 40 8.97 35.58 30.35
C PRO G 40 8.60 36.72 31.29
N PRO G 41 9.59 37.48 31.75
CA PRO G 41 9.29 38.57 32.70
C PRO G 41 8.68 39.76 31.99
N GLY G 42 7.48 40.14 32.44
CA GLY G 42 6.78 41.26 31.85
C GLY G 42 6.52 41.09 30.37
N LYS G 43 6.07 39.89 29.99
CA LYS G 43 5.83 39.57 28.59
C LYS G 43 4.68 38.58 28.50
N GLY G 44 4.17 38.41 27.28
CA GLY G 44 3.15 37.43 27.05
C GLY G 44 3.70 36.02 27.04
N LEU G 45 2.80 35.05 27.19
CA LEU G 45 3.21 33.66 27.24
C LEU G 45 3.85 33.24 25.92
N GLU G 46 4.67 32.19 25.99
CA GLU G 46 5.27 31.60 24.79
C GLU G 46 5.19 30.09 24.90
N TRP G 47 4.85 29.44 23.78
CA TRP G 47 4.72 28.00 23.74
C TRP G 47 6.10 27.34 23.68
N LEU G 48 6.27 26.27 24.45
CA LEU G 48 7.52 25.52 24.48
C LEU G 48 7.40 24.14 23.84
N GLY G 49 6.47 23.32 24.31
CA GLY G 49 6.29 22.00 23.74
C GLY G 49 5.21 21.25 24.47
N VAL G 50 4.89 20.07 23.94
CA VAL G 50 3.85 19.22 24.50
C VAL G 50 4.19 17.78 24.20
N ILE G 51 3.80 16.89 25.12
CA ILE G 51 3.94 15.45 24.96
C ILE G 51 2.54 14.87 24.96
N TRP G 52 2.10 14.37 23.81
CA TRP G 52 0.73 13.91 23.67
C TRP G 52 0.51 12.62 24.44
N ALA G 53 -0.77 12.27 24.62
CA ALA G 53 -1.11 11.09 25.40
C ALA G 53 -0.66 9.76 24.81
N ALA G 54 -0.45 9.75 23.50
CA ALA G 54 -0.02 8.49 22.81
C ALA G 54 1.49 8.64 22.69
N GLY G 55 2.07 9.61 23.41
CA GLY G 55 3.54 9.79 23.40
C GLY G 55 4.24 10.58 22.32
N THR G 56 3.48 11.10 21.35
CA THR G 56 4.07 11.85 20.23
C THR G 56 4.29 13.20 20.87
N THR G 57 5.50 13.76 20.74
CA THR G 57 5.82 15.04 21.33
C THR G 57 5.98 16.08 20.24
N ASN G 58 5.37 17.24 20.43
CA ASN G 58 5.47 18.36 19.52
C ASN G 58 6.15 19.52 20.24
N TYR G 59 7.23 20.05 19.64
CA TYR G 59 8.06 21.07 20.34
C TYR G 59 7.61 22.38 19.71
N ASN G 60 8.09 23.50 20.25
CA ASN G 60 7.86 24.86 19.70
C ASN G 60 9.04 24.55 18.78
N SER G 61 9.06 25.24 17.63
CA SER G 61 9.81 24.90 16.38
C SER G 61 11.14 25.63 16.54
N THR G 62 11.07 26.89 16.98
CA THR G 62 12.26 27.66 17.35
C THR G 62 13.12 26.91 18.36
N LEU G 63 12.48 26.23 19.31
CA LEU G 63 13.20 25.53 20.39
C LEU G 63 13.23 24.02 20.17
N LYS G 64 12.95 23.55 18.97
CA LYS G 64 12.95 22.12 18.71
C LYS G 64 14.34 21.51 18.89
N SER G 65 15.38 22.22 18.44
CA SER G 65 16.72 21.64 18.47
C SER G 65 17.15 21.29 19.90
N ARG G 66 16.82 22.15 20.86
CA ARG G 66 17.25 21.98 22.24
C ARG G 66 16.19 21.29 23.11
N LEU G 67 14.96 21.78 23.06
CA LEU G 67 13.91 21.25 23.94
C LEU G 67 13.65 19.79 23.63
N THR G 68 13.32 19.03 24.69
CA THR G 68 13.02 17.60 24.55
C THR G 68 12.13 17.20 25.72
N ILE G 69 10.88 16.86 25.44
CA ILE G 69 9.90 16.50 26.46
C ILE G 69 9.73 14.99 26.46
N THR G 70 9.82 14.38 27.64
CA THR G 70 9.55 12.97 27.82
C THR G 70 8.54 12.80 28.94
N LYS G 71 8.10 11.56 29.15
CA LYS G 71 7.06 11.29 30.13
C LYS G 71 7.17 9.86 30.63
N ASP G 72 6.77 9.65 31.88
CA ASP G 72 6.74 8.34 32.52
C ASP G 72 5.34 8.12 33.07
N ASN G 73 4.52 7.33 32.36
CA ASN G 73 3.15 7.13 32.78
C ASN G 73 3.04 6.55 34.18
N SER G 74 3.88 5.57 34.52
CA SER G 74 3.74 4.88 35.80
C SER G 74 3.85 5.85 36.97
N ARG G 75 4.84 6.75 36.93
CA ARG G 75 5.04 7.72 37.99
C ARG G 75 4.39 9.06 37.68
N SER G 76 3.74 9.19 36.53
CA SER G 76 3.05 10.41 36.13
C SER G 76 3.96 11.64 36.33
N GLN G 77 5.06 11.65 35.60
CA GLN G 77 6.07 12.70 35.69
C GLN G 77 6.54 13.05 34.28
N VAL G 78 6.15 14.23 33.81
CA VAL G 78 6.63 14.74 32.54
C VAL G 78 7.90 15.53 32.76
N PHE G 79 8.86 15.36 31.86
CA PHE G 79 10.18 15.97 31.99
C PHE G 79 10.45 16.89 30.80
N LEU G 80 11.24 17.93 31.06
CA LEU G 80 11.63 18.89 30.05
C LEU G 80 13.14 19.04 30.06
N LYS G 81 13.76 18.91 28.89
CA LYS G 81 15.21 19.01 28.75
C LYS G 81 15.53 20.19 27.84
N MET G 82 16.16 21.22 28.41
CA MET G 82 16.54 22.42 27.68
C MET G 82 18.06 22.51 27.69
N ASN G 83 18.68 22.38 26.51
CA ASN G 83 20.11 22.46 26.36
C ASN G 83 20.52 23.80 25.78
N SER G 84 21.82 24.10 25.87
CA SER G 84 22.38 25.32 25.32
C SER G 84 21.62 26.55 25.80
N LEU G 85 21.35 26.59 27.10
CA LEU G 85 20.60 27.69 27.68
C LEU G 85 21.24 29.03 27.33
N GLN G 86 20.43 30.09 27.42
CA GLN G 86 20.87 31.45 27.12
C GLN G 86 20.29 32.40 28.16
N THR G 87 20.86 33.61 28.20
CA THR G 87 20.42 34.60 29.18
C THR G 87 18.97 35.00 28.95
N TYR G 88 18.57 35.19 27.69
CA TYR G 88 17.21 35.64 27.39
C TYR G 88 16.17 34.56 27.65
N ASP G 89 16.57 33.33 27.93
CA ASP G 89 15.63 32.24 28.15
C ASP G 89 15.02 32.26 29.55
N THR G 90 15.50 33.13 30.44
CA THR G 90 14.93 33.22 31.78
C THR G 90 13.45 33.53 31.73
N ALA G 91 12.65 32.77 32.45
CA ALA G 91 11.22 33.00 32.50
C ALA G 91 10.59 31.97 33.42
N ILE G 92 9.38 32.27 33.88
CA ILE G 92 8.62 31.34 34.69
C ILE G 92 8.02 30.27 33.77
N TYR G 93 8.23 29.00 34.12
CA TYR G 93 7.84 27.89 33.27
C TYR G 93 6.59 27.22 33.83
N TYR G 94 5.62 26.97 32.94
CA TYR G 94 4.36 26.32 33.29
C TYR G 94 4.24 25.00 32.55
N CYS G 95 3.52 24.06 33.14
CA CYS G 95 3.05 22.85 32.46
C CYS G 95 1.54 22.84 32.50
N VAL G 96 0.91 22.64 31.33
CA VAL G 96 -0.51 22.85 31.16
C VAL G 96 -1.16 21.61 30.55
N ARG G 97 -2.29 21.21 31.13
CA ARG G 97 -3.03 20.05 30.65
C ARG G 97 -4.01 20.47 29.56
N GLU G 98 -3.97 19.76 28.43
CA GLU G 98 -4.86 20.03 27.32
C GLU G 98 -5.82 18.86 27.13
N ASP G 99 -7.11 19.14 27.17
CA ASP G 99 -8.13 18.13 26.93
C ASP G 99 -8.52 18.17 25.46
N TYR G 100 -7.70 17.53 24.61
CA TYR G 100 -7.90 17.58 23.17
C TYR G 100 -9.04 16.70 22.68
N ASP G 101 -9.83 16.14 23.58
CA ASP G 101 -10.93 15.27 23.17
C ASP G 101 -12.30 15.89 23.44
N TYR G 102 -12.45 16.62 24.55
CA TYR G 102 -13.75 17.14 24.94
C TYR G 102 -13.76 18.67 24.98
N PHE G 103 -12.80 19.30 25.62
CA PHE G 103 -12.79 20.75 25.81
C PHE G 103 -11.89 21.47 24.81
N PHE G 104 -10.80 20.84 24.37
CA PHE G 104 -9.89 21.29 23.33
C PHE G 104 -9.01 22.45 23.77
N GLY G 105 -9.14 22.95 25.00
CA GLY G 105 -8.32 24.05 25.45
C GLY G 105 -7.46 23.72 26.65
N LEU G 106 -6.55 24.62 27.01
CA LEU G 106 -5.64 24.39 28.13
C LEU G 106 -6.36 24.67 29.44
N ASP G 107 -6.76 23.62 30.15
CA ASP G 107 -7.63 23.74 31.31
C ASP G 107 -6.91 24.24 32.55
N TYR G 108 -5.93 23.49 33.04
CA TYR G 108 -5.28 23.79 34.31
C TYR G 108 -3.81 24.12 34.09
N TRP G 109 -3.33 25.11 34.81
CA TRP G 109 -1.97 25.62 34.66
C TRP G 109 -1.16 25.36 35.93
N GLY G 110 0.13 25.10 35.75
CA GLY G 110 1.00 24.84 36.87
C GLY G 110 1.37 26.10 37.63
N GLN G 111 1.91 25.90 38.84
CA GLN G 111 2.34 27.03 39.65
C GLN G 111 3.47 27.79 38.96
N GLY G 112 4.43 27.08 38.38
CA GLY G 112 5.52 27.72 37.67
C GLY G 112 6.81 27.76 38.47
N THR G 113 7.92 27.46 37.81
CA THR G 113 9.25 27.52 38.41
C THR G 113 10.03 28.65 37.77
N SER G 114 10.57 29.54 38.59
CA SER G 114 11.28 30.71 38.08
C SER G 114 12.72 30.31 37.78
N VAL G 115 13.03 30.16 36.49
CA VAL G 115 14.38 29.82 36.05
C VAL G 115 15.13 31.12 35.81
N THR G 116 16.16 31.38 36.61
CA THR G 116 16.97 32.58 36.49
C THR G 116 18.34 32.21 35.93
N VAL G 117 18.75 32.92 34.89
CA VAL G 117 20.04 32.69 34.24
C VAL G 117 20.87 33.96 34.41
N SER G 118 22.04 33.84 35.01
CA SER G 118 22.89 34.99 35.26
C SER G 118 24.30 34.57 35.67
N SER G 119 25.12 35.53 36.06
CA SER G 119 26.46 35.26 36.53
C SER G 119 26.53 35.37 38.05
N ALA H 2 2.11 32.50 12.72
CA ALA H 2 0.92 33.33 12.80
C ALA H 2 0.91 34.13 14.09
N VAL H 3 0.37 35.35 14.01
CA VAL H 3 0.36 36.28 15.12
C VAL H 3 -1.09 36.52 15.54
N VAL H 4 -1.35 36.41 16.84
CA VAL H 4 -2.66 36.67 17.42
C VAL H 4 -2.53 37.96 18.22
N THR H 5 -3.24 39.00 17.79
CA THR H 5 -3.14 40.32 18.39
C THR H 5 -4.42 40.64 19.15
N GLN H 6 -4.27 41.17 20.36
CA GLN H 6 -5.39 41.49 21.23
C GLN H 6 -5.24 42.92 21.74
N GLU H 7 -6.38 43.54 22.05
CA GLU H 7 -6.37 44.91 22.56
C GLU H 7 -5.59 44.98 23.86
N SER H 8 -4.90 46.10 24.06
CA SER H 8 -4.04 46.24 25.24
C SER H 8 -4.86 46.42 26.51
N ALA H 9 -5.88 47.27 26.48
CA ALA H 9 -6.63 47.61 27.68
C ALA H 9 -8.11 47.74 27.37
N LEU H 10 -8.92 47.60 28.42
CA LEU H 10 -10.36 47.78 28.33
C LEU H 10 -10.87 48.21 29.70
N THR H 11 -12.08 48.79 29.70
CA THR H 11 -12.68 49.27 30.93
C THR H 11 -14.18 48.97 30.92
N THR H 12 -14.75 48.82 32.11
CA THR H 12 -16.17 48.52 32.26
C THR H 12 -16.55 48.74 33.72
N SER H 13 -17.80 48.48 34.04
CA SER H 13 -18.36 48.60 35.37
C SER H 13 -19.22 47.38 35.67
N PRO H 14 -19.46 47.09 36.96
CA PRO H 14 -20.25 45.91 37.35
C PRO H 14 -21.63 45.87 36.71
N THR H 17 -21.26 44.69 30.34
CA THR H 17 -20.66 43.65 29.50
C THR H 17 -19.50 44.21 28.69
N VAL H 18 -18.51 43.36 28.41
CA VAL H 18 -17.35 43.73 27.63
C VAL H 18 -17.12 42.69 26.55
N THR H 19 -16.45 43.10 25.48
CA THR H 19 -16.12 42.21 24.37
C THR H 19 -14.62 42.31 24.11
N LEU H 20 -13.95 41.16 24.06
CA LEU H 20 -12.53 41.09 23.76
C LEU H 20 -12.34 40.35 22.45
N THR H 21 -11.64 40.98 21.50
CA THR H 21 -11.45 40.42 20.18
C THR H 21 -10.07 39.77 20.09
N CYS H 22 -10.04 38.51 19.68
CA CYS H 22 -8.79 37.77 19.48
C CYS H 22 -8.50 37.76 17.98
N ARG H 23 -7.89 38.84 17.50
CA ARG H 23 -7.61 38.97 16.08
C ARG H 23 -6.50 38.01 15.65
N SER H 24 -6.61 37.53 14.42
CA SER H 24 -5.63 36.63 13.83
C SER H 24 -4.90 37.35 12.70
N SER H 25 -3.61 37.07 12.56
CA SER H 25 -2.78 37.72 11.56
C SER H 25 -2.64 36.92 10.27
N THR H 26 -3.32 35.77 10.21
CA THR H 26 -3.22 34.90 9.01
C THR H 26 -4.46 35.06 8.17
N GLY H 27 -5.63 34.79 8.75
CA GLY H 27 -6.90 34.91 8.03
C GLY H 27 -8.07 34.93 9.00
N ALA H 28 -9.28 34.67 8.50
CA ALA H 28 -10.48 34.62 9.38
C ALA H 28 -10.29 33.53 10.43
N VAL H 29 -10.72 33.79 11.66
CA VAL H 29 -10.65 32.75 12.73
C VAL H 29 -11.79 31.76 12.51
N THR H 30 -11.49 30.46 12.53
CA THR H 30 -12.51 29.45 12.30
C THR H 30 -12.51 28.46 13.45
N THR H 31 -13.53 27.59 13.45
CA THR H 31 -13.59 26.53 14.45
C THR H 31 -12.38 25.62 14.39
N SER H 32 -11.70 25.56 13.23
CA SER H 32 -10.49 24.77 13.11
C SER H 32 -9.33 25.33 13.91
N ASN H 33 -9.45 26.55 14.43
CA ASN H 33 -8.40 27.12 15.26
C ASN H 33 -8.59 26.84 16.74
N TYR H 34 -9.78 26.41 17.17
CA TYR H 34 -10.03 25.99 18.54
C TYR H 34 -9.60 27.06 19.54
N ALA H 35 -10.18 28.25 19.39
CA ALA H 35 -9.84 29.35 20.27
C ALA H 35 -10.02 28.94 21.73
N SER H 36 -9.38 29.70 22.62
CA SER H 36 -9.48 29.43 24.05
C SER H 36 -9.00 30.65 24.81
N TRP H 37 -9.58 30.85 25.99
CA TRP H 37 -9.30 32.02 26.81
C TRP H 37 -8.89 31.59 28.21
N VAL H 38 -7.80 32.14 28.70
CA VAL H 38 -7.26 31.81 30.02
C VAL H 38 -7.08 33.11 30.79
N GLN H 39 -7.83 33.26 31.87
CA GLN H 39 -7.73 34.45 32.71
C GLN H 39 -6.56 34.32 33.67
N GLU H 40 -5.81 35.41 33.82
CA GLU H 40 -4.65 35.46 34.71
C GLU H 40 -4.96 36.41 35.86
N LYS H 41 -4.83 35.90 37.09
CA LYS H 41 -5.11 36.69 38.28
C LYS H 41 -3.79 37.09 38.93
N PRO H 42 -3.82 37.86 40.01
CA PRO H 42 -2.57 38.22 40.70
C PRO H 42 -1.83 36.98 41.16
N ASP H 43 -0.50 37.05 41.13
CA ASP H 43 0.40 35.97 41.50
C ASP H 43 0.50 34.88 40.44
N HIS H 44 0.11 35.18 39.20
CA HIS H 44 0.25 34.24 38.09
C HIS H 44 -0.73 33.07 38.21
N LEU H 45 -1.88 33.27 38.84
CA LEU H 45 -2.90 32.23 38.93
C LEU H 45 -3.62 32.13 37.59
N PHE H 46 -3.36 31.07 36.85
CA PHE H 46 -3.97 30.86 35.55
C PHE H 46 -5.16 29.91 35.65
N ILE H 47 -6.04 29.98 34.66
CA ILE H 47 -7.22 29.13 34.61
C ILE H 47 -7.77 29.16 33.20
N GLY H 48 -8.54 28.14 32.83
CA GLY H 48 -9.16 28.06 31.53
C GLY H 48 -10.63 28.40 31.61
N LEU H 49 -11.04 29.45 30.87
CA LEU H 49 -12.40 29.94 30.92
C LEU H 49 -13.19 29.69 29.65
N ILE H 50 -12.53 29.35 28.53
CA ILE H 50 -13.22 29.06 27.28
C ILE H 50 -12.33 28.18 26.44
N GLY H 51 -12.94 27.19 25.79
CA GLY H 51 -12.20 26.28 24.93
C GLY H 51 -12.97 25.87 23.70
N GLY H 52 -12.28 25.81 22.56
CA GLY H 52 -12.96 25.48 21.32
C GLY H 52 -13.93 26.53 20.83
N THR H 53 -13.93 27.71 21.45
CA THR H 53 -14.79 28.85 21.15
C THR H 53 -16.21 28.66 21.65
N ASN H 54 -16.58 27.47 22.12
CA ASN H 54 -17.94 27.23 22.59
C ASN H 54 -17.91 26.55 23.96
N ASN H 55 -16.90 25.72 24.19
CA ASN H 55 -16.86 24.89 25.39
C ASN H 55 -16.28 25.68 26.56
N ARG H 56 -16.95 25.60 27.71
CA ARG H 56 -16.52 26.27 28.92
C ARG H 56 -15.88 25.26 29.87
N ALA H 57 -14.73 25.61 30.43
CA ALA H 57 -14.01 24.69 31.29
C ALA H 57 -14.82 24.42 32.56
N PRO H 58 -14.57 23.29 33.22
CA PRO H 58 -15.37 22.95 34.41
C PRO H 58 -15.22 24.00 35.49
N GLY H 59 -16.34 24.27 36.18
CA GLY H 59 -16.35 25.20 37.29
C GLY H 59 -16.44 26.66 36.91
N VAL H 60 -16.33 26.99 35.63
CA VAL H 60 -16.38 28.40 35.22
C VAL H 60 -17.79 28.93 35.42
N PRO H 61 -17.96 30.19 35.84
CA PRO H 61 -19.31 30.75 35.99
C PRO H 61 -20.01 30.84 34.64
N ALA H 62 -21.34 30.75 34.69
CA ALA H 62 -22.13 30.75 33.46
C ALA H 62 -22.12 32.11 32.75
N ARG H 63 -21.63 33.17 33.40
CA ARG H 63 -21.61 34.47 32.77
C ARG H 63 -20.63 34.55 31.60
N PHE H 64 -19.66 33.64 31.53
CA PHE H 64 -18.70 33.65 30.44
C PHE H 64 -19.29 32.99 29.20
N SER H 65 -19.06 33.60 28.05
CA SER H 65 -19.56 33.08 26.79
C SER H 65 -18.62 33.52 25.67
N GLY H 66 -18.40 32.63 24.70
CA GLY H 66 -17.54 32.93 23.58
C GLY H 66 -18.21 32.57 22.27
N SER H 67 -17.67 33.15 21.20
CA SER H 67 -18.20 32.91 19.86
C SER H 67 -17.23 33.53 18.86
N LEU H 68 -17.62 33.49 17.59
CA LEU H 68 -16.84 34.09 16.51
C LEU H 68 -17.63 35.23 15.87
N ILE H 69 -16.99 36.39 15.77
CA ILE H 69 -17.59 37.57 15.14
C ILE H 69 -16.66 38.04 14.04
N GLY H 70 -17.17 38.12 12.83
CA GLY H 70 -16.33 38.53 11.71
C GLY H 70 -15.15 37.59 11.56
N ASP H 71 -13.97 38.18 11.40
CA ASP H 71 -12.73 37.43 11.24
C ASP H 71 -11.91 37.38 12.53
N LYS H 72 -12.50 37.78 13.65
CA LYS H 72 -11.81 37.76 14.93
C LYS H 72 -12.65 37.00 15.95
N ALA H 73 -12.01 36.12 16.71
CA ALA H 73 -12.68 35.40 17.78
C ALA H 73 -12.75 36.29 19.02
N ALA H 74 -13.92 36.33 19.65
CA ALA H 74 -14.15 37.20 20.78
C ALA H 74 -14.85 36.45 21.90
N LEU H 75 -14.63 36.92 23.13
CA LEU H 75 -15.27 36.38 24.32
C LEU H 75 -16.03 37.50 25.01
N THR H 76 -17.33 37.29 25.24
CA THR H 76 -18.20 38.30 25.80
C THR H 76 -18.51 37.94 27.26
N ILE H 77 -18.36 38.92 28.14
CA ILE H 77 -18.65 38.76 29.56
C ILE H 77 -19.96 39.46 29.86
N THR H 78 -20.91 38.73 30.42
CA THR H 78 -22.23 39.26 30.75
C THR H 78 -22.33 39.48 32.25
N GLY H 79 -22.73 40.68 32.63
CA GLY H 79 -22.87 41.00 34.04
C GLY H 79 -21.58 40.85 34.82
N ALA H 80 -20.49 41.39 34.29
CA ALA H 80 -19.20 41.28 34.96
C ALA H 80 -19.28 41.83 36.38
N GLN H 81 -18.68 41.11 37.32
CA GLN H 81 -18.70 41.51 38.71
C GLN H 81 -17.35 42.09 39.15
N ASP H 84 -13.59 39.71 38.23
CA ASP H 84 -13.17 39.35 36.88
C ASP H 84 -12.04 40.25 36.39
N GLU H 85 -11.73 41.27 37.20
CA GLU H 85 -10.68 42.23 36.85
C GLU H 85 -9.33 41.53 36.81
N ALA H 86 -8.79 41.33 35.62
CA ALA H 86 -7.52 40.61 35.45
C ALA H 86 -7.06 40.78 34.00
N ILE H 87 -6.02 40.06 33.63
CA ILE H 87 -5.49 40.05 32.27
C ILE H 87 -6.02 38.81 31.56
N TYR H 88 -6.51 38.99 30.34
CA TYR H 88 -7.14 37.92 29.58
C TYR H 88 -6.29 37.56 28.37
N PHE H 89 -5.95 36.28 28.25
CA PHE H 89 -5.13 35.75 27.17
C PHE H 89 -5.95 34.84 26.28
N CYS H 90 -5.82 35.01 24.96
CA CYS H 90 -6.49 34.16 23.99
C CYS H 90 -5.44 33.39 23.21
N ALA H 91 -5.64 32.09 23.05
CA ALA H 91 -4.71 31.23 22.34
C ALA H 91 -5.45 30.46 21.25
N LEU H 92 -4.94 30.54 20.03
CA LEU H 92 -5.58 29.93 18.87
C LEU H 92 -4.71 28.81 18.33
N TRP H 93 -5.30 27.63 18.15
CA TRP H 93 -4.56 26.50 17.61
C TRP H 93 -4.29 26.73 16.13
N PHE H 94 -3.03 26.52 15.73
CA PHE H 94 -2.60 26.74 14.35
C PHE H 94 -2.15 25.42 13.71
N SER H 95 -2.91 24.36 13.94
CA SER H 95 -2.81 23.04 13.34
C SER H 95 -1.60 22.26 13.84
N ASN H 96 -0.66 22.90 14.54
CA ASN H 96 0.45 22.19 15.17
C ASN H 96 0.75 22.69 16.57
N HIS H 97 0.45 23.94 16.91
CA HIS H 97 0.93 24.53 18.14
C HIS H 97 0.11 25.75 18.48
N TRP H 98 -0.29 25.85 19.74
CA TRP H 98 -1.04 27.00 20.20
C TRP H 98 -0.21 28.27 20.08
N VAL H 99 -0.87 29.39 19.75
CA VAL H 99 -0.17 30.72 19.71
C VAL H 99 -0.87 31.59 20.75
N PHE H 100 -0.14 32.43 21.50
CA PHE H 100 -0.80 33.17 22.61
C PHE H 100 -0.84 34.69 22.37
N GLY H 101 -2.04 35.27 22.49
CA GLY H 101 -2.24 36.72 22.32
C GLY H 101 -1.73 37.57 23.48
N GLY H 102 -1.40 38.84 23.22
CA GLY H 102 -0.99 39.77 24.29
C GLY H 102 -2.15 40.03 25.24
N GLY H 103 -1.88 40.25 26.53
CA GLY H 103 -2.98 40.36 27.52
C GLY H 103 -3.93 41.53 27.31
N THR H 104 -5.24 41.28 27.52
CA THR H 104 -6.29 42.32 27.38
C THR H 104 -6.16 43.44 28.39
N LYS H 105 -5.77 43.14 29.64
CA LYS H 105 -5.69 44.17 30.72
C LYS H 105 -7.11 44.70 31.01
N LEU H 106 -8.02 43.81 31.43
CA LEU H 106 -9.38 44.18 31.79
C LEU H 106 -9.38 45.00 33.08
N THR H 107 -10.34 45.91 33.18
CA THR H 107 -10.49 46.77 34.34
C THR H 107 -11.95 46.78 34.78
N VAL H 108 -12.17 46.95 36.08
CA VAL H 108 -13.53 46.99 36.61
C VAL H 108 -13.67 48.12 37.62
#